data_8SBC
#
_entry.id   8SBC
#
_cell.length_a   100.077
_cell.length_b   107.847
_cell.length_c   133.723
_cell.angle_alpha   90.00
_cell.angle_beta   90.00
_cell.angle_gamma   90.00
#
_symmetry.space_group_name_H-M   'P 21 21 21'
#
loop_
_entity.id
_entity.type
_entity.pdbx_description
1 polymer 'Phosphatidylinositol 4,5-bisphosphate 3-kinase catalytic subunit alpha isoform'
2 polymer 'Phosphatidylinositol 3-kinase regulatory subunit alpha'
3 non-polymer (2M)-7-[(3R)-3-methylmorpholin-4-yl]-5-[(3S)-3-methylmorpholin-4-yl]-2-(pyridin-2-yl)-1H-imidazo[4,5-b]pyridine
4 non-polymer 'SULFATE ION'
5 water water
#
loop_
_entity_poly.entity_id
_entity_poly.type
_entity_poly.pdbx_seq_one_letter_code
_entity_poly.pdbx_strand_id
1 'polypeptide(L)'
;MPPRPSSGELWGIHLMPPRILVECLLPNGMIVTLECLREATLITIKHELFKEARKYPLHQLLQDESSYIFVSVTQEAERE
EFFDETRRLCDLRLFQPFLKVIEPVGNREEKILNREIGFAIGMPVCEFDMVKDPEVQDFRRNILNVCKEAVDLRDLNSPH
SRAMYVYPPNVESSPELPKHIYNKLDKGQIIVVIWVIVSPNNDKQKYTLKINHDCVPEQVIAEAIRKKTRSKKLSSEQLK
LCVLEYQGKYILKVCGCDEYFLEKYPLSQYKYIRSCIMLGRMPNLMLMAKESLYSQLPMDCFTMPSYSRRISTATPYMNG
ETSTKSLWVINSALRIKILCATYVNVNIRDIDKIYVRTGIYHGGEPLCDNVNTQRVPCSNPRWNEWLNYDIYIPDLPRAA
RLCLSICSVKGRKGAKEEHCPLAWGNINLFDYTDTLVSGKMALNLWPVPHGLEDLLNPIGVTGSNPNKETPCLELEFDWF
SSVVKFPDMSVIEEHANWSVSREAGFSYSHAGLSNRLARDNELRENDKEQLKAISTRDPLSEITEQEKDFLWSHRHYCVT
IPEILPKLLLSVKWNSRDEVAQMYCLVKDWPPIKPEQAMELLDCNYPDPMVRGFAVRCLEKYLTDDKLSQYLIQLVQVLK
YEQYLDNLLVRFLLKKALTNQRIGHFFFWHLKSEMHNKTVSQRFGLLLESYCRACGMYLKHLNRQVEAMEKLINLTDILK
QEKKDETQKVQMKFLVEQMRRPDFMDALQGFLSPLNPAHQLGNLRLEECRIMSSAKRPLKLNWENPDIMSELLFQNNEIM
FKNGDDLRQDMLTLQIIRIMENIWQNQGLDLRMLPYGCLSIGDCVGLIEWVRNSHTIMQIQCKGGLKGALQFNSHTLHQW
LKDKNKGEIYDAAIDLFTRSCAGYCVATFILGIGDRHNSNIMVKDDGQLVHIDFGHFLDHKKKKFGYKRERVPFVLTQDF
LIVISKGAQECTKTREFERFQEMCYKAYLAIRQHANLFINLFSMMLGSGMPELQSFDDIAYIRKTLALDKTEQEALEYFM
KQMNDAHHGGWTTKMDWIFHTIKQHALNHHHHHH
;
A
2 'polypeptide(L)'
;MHNLQYLPPKPPKPTTVANNGMNNNMSLQDAEWYWGDISREEVNEKLRDTADGTFLVRDASTKMHGDYTLTLRKGGNNKL
IKIFHRDGKYGFSDPLTFSSVVELINHYRNESLAQYNPKLDVKLLYPVSKYQQDQVVKEDNIEAVGKKLHEYNTQFQEKS
REYDRLYEEYTRTSQEIQMKRTAIEAFNETIKIFEEQCQTQERYSKEYIEKFKREGNEKEIQRIMHNYDKLKSRISEIID
SRRRLEEDLKKQAAEYREIDKRMNSIKPDLIQLRKTRDQYLMWLTQKGVRQKK
;
B
#
# COMPACT_ATOMS: atom_id res chain seq x y z
N PRO A 2 -7.66 -3.70 21.19
CA PRO A 2 -7.63 -3.34 19.77
C PRO A 2 -7.12 -1.91 19.55
N PRO A 3 -6.91 -1.53 18.29
CA PRO A 3 -6.52 -0.14 18.01
C PRO A 3 -7.56 0.84 18.54
N ARG A 4 -7.11 2.06 18.80
CA ARG A 4 -7.99 3.07 19.39
C ARG A 4 -9.12 3.39 18.42
N PRO A 5 -10.36 3.54 18.92
CA PRO A 5 -11.46 3.97 18.05
C PRO A 5 -11.25 5.39 17.55
N SER A 6 -10.87 6.32 18.44
CA SER A 6 -10.58 7.69 18.03
C SER A 6 -9.27 8.16 18.65
N SER A 7 -8.97 9.46 18.56
CA SER A 7 -7.79 10.04 19.16
C SER A 7 -8.13 11.01 20.29
N GLY A 8 -9.33 10.89 20.87
CA GLY A 8 -9.74 11.78 21.93
C GLY A 8 -9.16 11.41 23.28
N GLU A 9 -9.31 12.33 24.24
CA GLU A 9 -8.79 12.14 25.58
C GLU A 9 -9.63 11.18 26.41
N LEU A 10 -10.89 10.98 26.04
CA LEU A 10 -11.74 9.99 26.69
C LEU A 10 -12.70 9.44 25.64
N TRP A 11 -13.23 8.25 25.92
CA TRP A 11 -14.20 7.66 25.00
C TRP A 11 -15.43 8.55 24.91
N GLY A 12 -15.79 8.92 23.68
CA GLY A 12 -16.88 9.84 23.44
C GLY A 12 -16.57 11.29 23.73
N ILE A 13 -15.37 11.61 24.21
CA ILE A 13 -14.98 12.97 24.54
C ILE A 13 -13.67 13.25 23.83
N HIS A 14 -13.69 14.22 22.90
CA HIS A 14 -12.46 14.59 22.20
C HIS A 14 -11.53 15.42 23.06
N LEU A 15 -12.09 16.27 23.93
CA LEU A 15 -11.28 17.12 24.80
C LEU A 15 -11.86 17.11 26.20
N MET A 16 -11.02 16.82 27.19
CA MET A 16 -11.44 16.94 28.58
C MET A 16 -11.75 18.40 28.90
N PRO A 17 -12.70 18.65 29.79
CA PRO A 17 -12.89 20.00 30.31
C PRO A 17 -11.66 20.44 31.08
N PRO A 18 -11.57 21.73 31.44
CA PRO A 18 -10.41 22.16 32.25
C PRO A 18 -10.26 21.37 33.53
N ARG A 19 -11.37 21.03 34.19
CA ARG A 19 -11.35 20.20 35.38
C ARG A 19 -12.32 19.05 35.19
N ILE A 20 -12.00 17.92 35.82
CA ILE A 20 -12.75 16.69 35.62
C ILE A 20 -12.68 15.85 36.88
N LEU A 21 -13.77 15.15 37.17
CA LEU A 21 -13.82 14.24 38.32
C LEU A 21 -13.23 12.89 37.96
N VAL A 22 -12.37 12.37 38.82
CA VAL A 22 -11.66 11.11 38.59
C VAL A 22 -11.92 10.20 39.78
N GLU A 23 -12.51 9.04 39.50
CA GLU A 23 -12.75 8.03 40.54
C GLU A 23 -11.45 7.27 40.81
N CYS A 24 -10.99 7.31 42.05
CA CYS A 24 -9.75 6.66 42.45
C CYS A 24 -10.06 5.45 43.32
N LEU A 25 -9.52 4.30 42.93
CA LEU A 25 -9.77 3.04 43.62
C LEU A 25 -8.56 2.72 44.48
N LEU A 26 -8.66 2.96 45.79
CA LEU A 26 -7.56 2.71 46.68
C LEU A 26 -7.42 1.21 46.97
N PRO A 27 -6.22 0.76 47.35
CA PRO A 27 -6.02 -0.68 47.59
C PRO A 27 -6.71 -1.20 48.84
N ASN A 28 -7.33 -0.32 49.64
CA ASN A 28 -8.08 -0.75 50.80
C ASN A 28 -9.56 -0.97 50.51
N GLY A 29 -9.97 -0.82 49.25
CA GLY A 29 -11.36 -0.98 48.85
C GLY A 29 -12.12 0.31 48.70
N MET A 30 -11.64 1.40 49.29
CA MET A 30 -12.33 2.67 49.21
C MET A 30 -12.25 3.26 47.80
N ILE A 31 -13.28 4.03 47.44
CA ILE A 31 -13.32 4.76 46.18
C ILE A 31 -13.42 6.24 46.50
N VAL A 32 -12.44 7.02 46.03
CA VAL A 32 -12.35 8.44 46.30
C VAL A 32 -12.60 9.21 45.01
N THR A 33 -13.50 10.18 45.05
CA THR A 33 -13.79 11.04 43.91
C THR A 33 -12.95 12.29 44.02
N LEU A 34 -11.97 12.44 43.13
CA LEU A 34 -11.02 13.55 43.18
C LEU A 34 -11.18 14.40 41.92
N GLU A 35 -11.14 15.71 42.10
CA GLU A 35 -11.21 16.65 40.99
C GLU A 35 -9.80 17.05 40.58
N CYS A 36 -9.46 16.83 39.31
CA CYS A 36 -8.13 17.08 38.80
C CYS A 36 -8.18 18.05 37.63
N LEU A 37 -7.07 18.75 37.42
CA LEU A 37 -6.89 19.53 36.20
C LEU A 37 -6.56 18.59 35.04
N ARG A 38 -7.11 18.91 33.86
CA ARG A 38 -6.94 18.01 32.72
C ARG A 38 -5.47 17.81 32.36
N GLU A 39 -4.61 18.78 32.68
CA GLU A 39 -3.20 18.70 32.35
C GLU A 39 -2.33 18.36 33.56
N ALA A 40 -2.93 17.91 34.66
CA ALA A 40 -2.17 17.56 35.84
C ALA A 40 -1.45 16.22 35.64
N THR A 41 -0.26 16.12 36.22
CA THR A 41 0.54 14.91 36.10
C THR A 41 0.11 13.88 37.13
N LEU A 42 0.50 12.62 36.90
CA LEU A 42 0.14 11.54 37.80
C LEU A 42 0.84 11.66 39.14
N ILE A 43 2.06 12.21 39.17
CA ILE A 43 2.76 12.37 40.43
C ILE A 43 2.05 13.40 41.30
N THR A 44 1.38 14.37 40.68
CA THR A 44 0.57 15.32 41.43
C THR A 44 -0.77 14.73 41.85
N ILE A 45 -1.43 14.03 40.92
CA ILE A 45 -2.71 13.39 41.24
C ILE A 45 -2.54 12.38 42.36
N LYS A 46 -1.45 11.60 42.32
CA LYS A 46 -1.21 10.65 43.39
C LYS A 46 -0.94 11.34 44.72
N HIS A 47 -0.39 12.56 44.68
CA HIS A 47 -0.12 13.29 45.91
C HIS A 47 -1.41 13.80 46.53
N GLU A 48 -2.27 14.43 45.72
CA GLU A 48 -3.56 14.90 46.22
C GLU A 48 -4.46 13.75 46.65
N LEU A 49 -4.36 12.60 45.98
CA LEU A 49 -5.22 11.47 46.32
C LEU A 49 -4.92 10.94 47.71
N PHE A 50 -3.64 10.87 48.07
CA PHE A 50 -3.26 10.27 49.34
C PHE A 50 -3.38 11.25 50.51
N LYS A 51 -3.42 12.55 50.25
CA LYS A 51 -3.82 13.49 51.29
C LYS A 51 -5.32 13.44 51.52
N GLU A 52 -6.11 13.23 50.46
CA GLU A 52 -7.55 13.08 50.58
C GLU A 52 -7.94 11.73 51.16
N ALA A 53 -7.10 10.71 50.96
CA ALA A 53 -7.43 9.37 51.43
C ALA A 53 -7.46 9.28 52.95
N ARG A 54 -6.82 10.20 53.65
CA ARG A 54 -6.84 10.15 55.11
C ARG A 54 -8.23 10.43 55.65
N LYS A 55 -9.05 11.17 54.91
CA LYS A 55 -10.41 11.49 55.32
C LYS A 55 -11.40 10.37 55.05
N TYR A 56 -10.93 9.18 54.68
CA TYR A 56 -11.76 8.05 54.36
C TYR A 56 -11.43 6.86 55.25
N PRO A 57 -12.32 5.88 55.36
CA PRO A 57 -12.09 4.75 56.25
C PRO A 57 -10.89 3.91 55.82
N LEU A 58 -10.37 3.15 56.77
CA LEU A 58 -9.29 2.19 56.54
C LEU A 58 -8.02 2.84 56.00
N HIS A 59 -7.88 4.15 56.20
CA HIS A 59 -6.71 4.87 55.68
C HIS A 59 -5.40 4.35 56.28
N GLN A 60 -5.46 3.67 57.43
CA GLN A 60 -4.24 3.28 58.13
C GLN A 60 -3.47 2.21 57.38
N LEU A 61 -4.18 1.26 56.77
CA LEU A 61 -3.53 0.15 56.08
C LEU A 61 -3.05 0.50 54.68
N LEU A 62 -3.04 1.78 54.32
CA LEU A 62 -2.43 2.25 53.09
C LEU A 62 -0.95 2.50 53.33
N GLN A 63 -0.12 2.16 52.35
CA GLN A 63 1.32 2.33 52.46
C GLN A 63 1.71 3.73 51.98
N ASP A 64 3.01 3.95 51.83
CA ASP A 64 3.50 5.25 51.38
C ASP A 64 3.01 5.55 49.96
N GLU A 65 2.95 6.85 49.66
CA GLU A 65 2.67 7.29 48.30
C GLU A 65 3.65 6.66 47.31
N SER A 66 4.91 6.53 47.72
CA SER A 66 5.96 6.06 46.83
C SER A 66 5.83 4.58 46.49
N SER A 67 5.03 3.83 47.23
CA SER A 67 4.91 2.39 47.03
C SER A 67 3.86 2.02 45.99
N TYR A 68 3.17 2.99 45.40
CA TYR A 68 2.06 2.71 44.51
C TYR A 68 2.24 3.42 43.18
N ILE A 69 1.55 2.91 42.17
CA ILE A 69 1.39 3.55 40.88
C ILE A 69 -0.06 3.41 40.46
N PHE A 70 -0.43 4.10 39.38
CA PHE A 70 -1.79 4.08 38.87
C PHE A 70 -1.95 3.05 37.76
N VAL A 71 -3.16 2.50 37.67
CA VAL A 71 -3.55 1.59 36.60
C VAL A 71 -4.96 1.95 36.16
N SER A 72 -5.22 1.81 34.87
CA SER A 72 -6.55 2.11 34.34
C SER A 72 -6.72 1.42 33.00
N VAL A 73 -7.92 1.51 32.46
CA VAL A 73 -8.24 0.92 31.17
C VAL A 73 -8.09 2.00 30.10
N THR A 74 -7.29 1.70 29.09
CA THR A 74 -7.09 2.63 27.98
C THR A 74 -8.15 2.42 26.91
N GLN A 75 -8.23 3.37 25.99
CA GLN A 75 -9.18 3.28 24.88
C GLN A 75 -8.90 2.09 23.96
N GLU A 76 -7.75 1.43 24.11
CA GLU A 76 -7.47 0.19 23.41
C GLU A 76 -7.90 -1.03 24.21
N ALA A 77 -8.64 -0.83 25.30
CA ALA A 77 -9.13 -1.90 26.16
C ALA A 77 -8.02 -2.60 26.92
N GLU A 78 -6.87 -1.95 27.09
CA GLU A 78 -5.74 -2.51 27.81
C GLU A 78 -5.69 -1.97 29.24
N ARG A 79 -5.21 -2.82 30.15
CA ARG A 79 -4.93 -2.40 31.52
C ARG A 79 -3.48 -1.94 31.56
N GLU A 80 -3.27 -0.63 31.38
CA GLU A 80 -1.94 -0.07 31.32
C GLU A 80 -1.51 0.41 32.70
N GLU A 81 -0.33 -0.05 33.14
CA GLU A 81 0.29 0.44 34.36
C GLU A 81 1.09 1.69 34.00
N PHE A 82 0.85 2.77 34.76
CA PHE A 82 1.47 4.06 34.45
C PHE A 82 2.74 4.21 35.30
N PHE A 83 3.85 3.67 34.79
CA PHE A 83 5.13 3.78 35.48
C PHE A 83 5.75 5.15 35.35
N ASP A 84 5.52 5.84 34.23
CA ASP A 84 6.00 7.22 34.05
C ASP A 84 4.95 8.16 34.63
N GLU A 85 5.14 8.56 35.88
CA GLU A 85 4.19 9.41 36.58
C GLU A 85 4.34 10.88 36.24
N THR A 86 5.21 11.24 35.30
CA THR A 86 5.31 12.59 34.78
C THR A 86 4.32 12.86 33.65
N ARG A 87 3.53 11.86 33.27
CA ARG A 87 2.56 12.03 32.19
C ARG A 87 1.32 12.77 32.69
N ARG A 88 0.70 13.52 31.78
CA ARG A 88 -0.48 14.28 32.11
C ARG A 88 -1.73 13.41 32.00
N LEU A 89 -2.77 13.79 32.73
CA LEU A 89 -4.03 13.04 32.70
C LEU A 89 -4.62 13.01 31.30
N CYS A 90 -4.50 14.12 30.57
CA CYS A 90 -5.10 14.21 29.23
C CYS A 90 -4.34 13.41 28.19
N ASP A 91 -3.13 12.95 28.48
CA ASP A 91 -2.33 12.18 27.54
C ASP A 91 -2.37 10.67 27.80
N LEU A 92 -3.21 10.23 28.74
CA LEU A 92 -3.22 8.83 29.14
C LEU A 92 -4.09 7.95 28.25
N ARG A 93 -4.92 8.54 27.39
CA ARG A 93 -5.81 7.77 26.53
C ARG A 93 -6.75 6.89 27.36
N LEU A 94 -7.28 7.44 28.44
CA LEU A 94 -8.16 6.69 29.31
C LEU A 94 -9.51 6.44 28.64
N PHE A 95 -10.04 5.23 28.84
CA PHE A 95 -11.39 4.94 28.38
C PHE A 95 -12.43 5.71 29.20
N GLN A 96 -12.35 5.60 30.52
CA GLN A 96 -13.20 6.32 31.45
C GLN A 96 -12.31 7.00 32.49
N PRO A 97 -12.80 8.07 33.11
CA PRO A 97 -11.98 8.83 34.08
C PRO A 97 -11.91 8.17 35.47
N PHE A 98 -11.12 7.10 35.56
CA PHE A 98 -10.87 6.43 36.83
C PHE A 98 -9.42 5.95 36.86
N LEU A 99 -8.89 5.85 38.07
CA LEU A 99 -7.53 5.37 38.30
C LEU A 99 -7.54 4.38 39.45
N LYS A 100 -6.86 3.26 39.27
CA LYS A 100 -6.72 2.25 40.32
C LYS A 100 -5.31 2.31 40.87
N VAL A 101 -5.20 2.19 42.20
CA VAL A 101 -3.92 2.22 42.88
C VAL A 101 -3.47 0.80 43.16
N ILE A 102 -2.26 0.46 42.73
CA ILE A 102 -1.70 -0.88 42.90
C ILE A 102 -0.21 -0.75 43.22
N GLU A 103 0.37 -1.84 43.70
CA GLU A 103 1.81 -1.87 43.86
C GLU A 103 2.46 -2.39 42.56
N PRO A 104 3.56 -1.78 42.13
CA PRO A 104 4.23 -2.27 40.92
C PRO A 104 4.82 -3.66 41.13
N VAL A 105 4.64 -4.51 40.13
CA VAL A 105 5.17 -5.88 40.15
C VAL A 105 5.73 -6.21 38.78
N GLY A 106 6.49 -7.29 38.72
CA GLY A 106 7.02 -7.79 37.47
C GLY A 106 8.28 -7.07 37.02
N ASN A 107 8.69 -7.41 35.80
CA ASN A 107 9.87 -6.80 35.18
C ASN A 107 9.50 -5.40 34.73
N ARG A 108 9.89 -4.40 35.52
CA ARG A 108 9.47 -3.03 35.25
C ARG A 108 10.02 -2.52 33.92
N GLU A 109 11.34 -2.69 33.71
CA GLU A 109 11.94 -2.21 32.48
C GLU A 109 11.31 -2.85 31.25
N GLU A 110 10.88 -4.11 31.36
CA GLU A 110 10.25 -4.77 30.23
C GLU A 110 8.87 -4.20 29.96
N LYS A 111 8.10 -3.89 31.01
CA LYS A 111 6.78 -3.32 30.81
C LYS A 111 6.86 -1.91 30.23
N ILE A 112 7.91 -1.16 30.55
CA ILE A 112 8.04 0.19 30.02
C ILE A 112 8.35 0.14 28.53
N LEU A 113 9.19 -0.81 28.10
CA LEU A 113 9.49 -0.94 26.69
C LEU A 113 8.27 -1.38 25.90
N ASN A 114 7.57 -2.42 26.40
CA ASN A 114 6.40 -2.91 25.68
C ASN A 114 5.32 -1.85 25.55
N ARG A 115 5.21 -0.95 26.52
CA ARG A 115 4.26 0.14 26.40
C ARG A 115 4.70 1.15 25.35
N GLU A 116 6.01 1.43 25.30
CA GLU A 116 6.52 2.34 24.28
C GLU A 116 6.40 1.73 22.89
N ILE A 117 6.66 0.43 22.76
CA ILE A 117 6.47 -0.24 21.48
C ILE A 117 4.99 -0.25 21.10
N GLY A 118 4.11 -0.52 22.07
CA GLY A 118 2.69 -0.54 21.79
C GLY A 118 2.15 0.82 21.37
N PHE A 119 2.75 1.89 21.87
CA PHE A 119 2.31 3.23 21.49
C PHE A 119 2.68 3.53 20.04
N ALA A 120 3.93 3.27 19.67
CA ALA A 120 4.35 3.49 18.28
C ALA A 120 3.54 2.62 17.33
N ILE A 121 3.28 1.38 17.70
CA ILE A 121 2.54 0.46 16.84
C ILE A 121 1.10 0.93 16.67
N GLY A 122 0.51 1.47 17.72
CA GLY A 122 -0.92 1.72 17.73
C GLY A 122 -1.73 0.52 18.15
N MET A 123 -1.16 -0.36 18.97
CA MET A 123 -1.77 -1.61 19.39
C MET A 123 -0.96 -2.21 20.53
N PRO A 124 -1.59 -2.61 21.63
CA PRO A 124 -0.83 -3.12 22.78
C PRO A 124 -0.10 -4.42 22.44
N VAL A 125 1.18 -4.47 22.80
CA VAL A 125 2.00 -5.64 22.50
C VAL A 125 1.42 -6.90 23.11
N CYS A 126 0.71 -6.78 24.23
CA CYS A 126 0.19 -7.95 24.93
C CYS A 126 -0.80 -8.74 24.09
N GLU A 127 -1.36 -8.14 23.03
CA GLU A 127 -2.30 -8.87 22.20
C GLU A 127 -1.62 -9.97 21.39
N PHE A 128 -0.36 -9.77 21.03
CA PHE A 128 0.38 -10.81 20.30
C PHE A 128 0.60 -12.04 21.16
N ASP A 129 0.64 -11.88 22.49
CA ASP A 129 0.84 -13.03 23.37
C ASP A 129 -0.38 -13.94 23.39
N MET A 130 -1.57 -13.38 23.13
CA MET A 130 -2.80 -14.18 23.14
C MET A 130 -2.94 -15.01 21.88
N VAL A 131 -2.19 -14.72 20.82
CA VAL A 131 -2.37 -15.38 19.54
C VAL A 131 -2.05 -16.86 19.68
N LYS A 132 -3.04 -17.71 19.44
CA LYS A 132 -2.85 -19.15 19.54
C LYS A 132 -2.07 -19.73 18.37
N ASP A 133 -2.04 -19.03 17.24
CA ASP A 133 -1.40 -19.54 16.04
C ASP A 133 0.09 -19.80 16.27
N PRO A 134 0.57 -21.02 16.08
CA PRO A 134 2.01 -21.27 16.29
C PRO A 134 2.91 -20.52 15.31
N GLU A 135 2.41 -20.20 14.12
CA GLU A 135 3.23 -19.46 13.17
C GLU A 135 3.53 -18.06 13.69
N VAL A 136 2.58 -17.44 14.38
CA VAL A 136 2.81 -16.11 14.94
C VAL A 136 3.89 -16.16 16.00
N GLN A 137 3.79 -17.11 16.94
CA GLN A 137 4.76 -17.17 18.03
C GLN A 137 6.16 -17.49 17.51
N ASP A 138 6.27 -18.45 16.58
CA ASP A 138 7.57 -18.77 16.02
C ASP A 138 8.19 -17.58 15.32
N PHE A 139 7.37 -16.70 14.73
CA PHE A 139 7.91 -15.51 14.08
C PHE A 139 8.52 -14.56 15.10
N ARG A 140 7.80 -14.31 16.20
CA ARG A 140 8.29 -13.38 17.21
C ARG A 140 9.63 -13.82 17.77
N ARG A 141 9.80 -15.12 18.00
CA ARG A 141 11.05 -15.63 18.55
C ARG A 141 12.14 -15.67 17.49
N ASN A 142 11.85 -16.29 16.35
CA ASN A 142 12.89 -16.54 15.36
C ASN A 142 13.41 -15.25 14.73
N ILE A 143 12.56 -14.24 14.59
CA ILE A 143 12.98 -13.00 13.94
C ILE A 143 14.02 -12.24 14.73
N LEU A 144 14.24 -12.60 16.00
CA LEU A 144 15.14 -11.84 16.85
C LEU A 144 16.58 -11.93 16.39
N ASN A 145 16.98 -13.04 15.75
CA ASN A 145 18.35 -13.16 15.28
C ASN A 145 18.68 -12.09 14.26
N VAL A 146 17.68 -11.65 13.48
CA VAL A 146 17.90 -10.50 12.61
C VAL A 146 18.10 -9.24 13.45
N CYS A 147 17.37 -9.12 14.55
CA CYS A 147 17.57 -7.98 15.45
C CYS A 147 18.95 -8.03 16.08
N LYS A 148 19.35 -9.20 16.59
CA LYS A 148 20.67 -9.34 17.21
C LYS A 148 21.78 -9.02 16.22
N GLU A 149 21.66 -9.55 14.99
CA GLU A 149 22.67 -9.29 13.97
C GLU A 149 22.90 -7.80 13.77
N ALA A 150 21.81 -7.03 13.65
CA ALA A 150 21.93 -5.62 13.32
C ALA A 150 22.58 -4.84 14.46
N VAL A 151 22.08 -5.02 15.69
CA VAL A 151 22.63 -4.28 16.82
C VAL A 151 24.09 -4.65 17.05
N ASP A 152 24.48 -5.86 16.64
CA ASP A 152 25.88 -6.26 16.75
C ASP A 152 26.73 -5.59 15.68
N LEU A 153 26.24 -5.59 14.44
CA LEU A 153 26.91 -4.87 13.36
C LEU A 153 26.83 -3.36 13.51
N ARG A 154 26.11 -2.88 14.52
CA ARG A 154 25.92 -1.44 14.73
C ARG A 154 26.86 -0.85 15.76
N ASP A 155 27.38 -1.67 16.68
CA ASP A 155 28.24 -1.17 17.76
C ASP A 155 29.57 -1.92 17.80
N LEU A 156 30.03 -2.43 16.66
CA LEU A 156 31.33 -3.09 16.59
C LEU A 156 32.44 -2.15 16.12
N ASN A 157 32.11 -1.12 15.36
CA ASN A 157 33.06 -0.09 14.97
C ASN A 157 33.08 1.08 15.94
N SER A 158 32.62 0.87 17.18
CA SER A 158 32.67 1.89 18.22
C SER A 158 31.81 3.09 17.77
N PRO A 159 32.25 4.35 17.85
CA PRO A 159 31.33 5.43 17.47
C PRO A 159 30.91 5.39 16.01
N HIS A 160 31.85 5.16 15.10
CA HIS A 160 31.57 5.28 13.67
C HIS A 160 30.35 4.47 13.27
N SER A 161 30.35 3.16 13.58
CA SER A 161 29.24 2.31 13.18
C SER A 161 27.91 2.83 13.71
N ARG A 162 27.91 3.42 14.90
CA ARG A 162 26.67 3.97 15.44
C ARG A 162 26.23 5.21 14.68
N ALA A 163 27.19 6.02 14.22
CA ALA A 163 26.85 7.24 13.49
C ALA A 163 26.31 6.91 12.11
N MET A 164 26.98 6.02 11.38
CA MET A 164 26.51 5.63 10.05
C MET A 164 25.07 5.14 10.08
N TYR A 165 24.62 4.62 11.23
CA TYR A 165 23.23 4.19 11.35
C TYR A 165 22.30 5.39 11.50
N VAL A 166 22.62 6.31 12.41
CA VAL A 166 21.73 7.42 12.69
C VAL A 166 21.75 8.44 11.56
N TYR A 167 22.93 8.72 11.00
CA TYR A 167 23.09 9.71 9.94
C TYR A 167 23.80 9.05 8.76
N PRO A 168 23.09 8.20 8.01
CA PRO A 168 23.71 7.56 6.85
C PRO A 168 23.99 8.59 5.76
N PRO A 169 24.97 8.34 4.90
CA PRO A 169 25.22 9.25 3.79
C PRO A 169 24.12 9.14 2.74
N ASN A 170 23.56 10.29 2.35
CA ASN A 170 22.54 10.34 1.31
C ASN A 170 23.24 10.52 -0.04
N VAL A 171 23.68 9.39 -0.60
CA VAL A 171 24.50 9.39 -1.79
C VAL A 171 23.75 8.70 -2.93
N GLU A 172 24.26 8.92 -4.15
CA GLU A 172 23.72 8.29 -5.33
C GLU A 172 24.18 6.83 -5.40
N SER A 173 23.71 6.12 -6.42
CA SER A 173 24.08 4.72 -6.63
C SER A 173 25.36 4.57 -7.45
N SER A 174 25.89 5.66 -7.99
CA SER A 174 27.08 5.61 -8.83
C SER A 174 27.79 6.95 -8.77
N PRO A 175 29.12 6.95 -8.66
CA PRO A 175 29.86 8.23 -8.66
C PRO A 175 30.03 8.85 -10.04
N GLU A 176 29.72 8.12 -11.11
CA GLU A 176 29.85 8.66 -12.45
C GLU A 176 28.91 9.84 -12.64
N LEU A 177 29.46 10.97 -13.07
CA LEU A 177 28.70 12.21 -13.21
C LEU A 177 28.13 12.31 -14.62
N PRO A 178 26.83 12.63 -14.77
CA PRO A 178 26.27 12.82 -16.11
C PRO A 178 26.99 13.95 -16.85
N LYS A 179 26.88 13.89 -18.18
CA LYS A 179 27.60 14.86 -19.02
C LYS A 179 27.11 16.28 -18.75
N HIS A 180 25.80 16.49 -18.73
CA HIS A 180 25.27 17.84 -18.52
C HIS A 180 25.54 18.33 -17.11
N ILE A 181 25.68 17.42 -16.14
CA ILE A 181 26.06 17.82 -14.79
C ILE A 181 27.54 18.19 -14.74
N TYR A 182 28.39 17.38 -15.38
CA TYR A 182 29.82 17.64 -15.38
C TYR A 182 30.17 18.93 -16.10
N ASN A 183 29.43 19.28 -17.16
CA ASN A 183 29.69 20.51 -17.90
C ASN A 183 29.44 21.75 -17.05
N LYS A 184 28.61 21.64 -16.01
CA LYS A 184 28.41 22.78 -15.11
C LYS A 184 29.60 23.01 -14.19
N LEU A 185 30.59 22.14 -14.22
CA LEU A 185 31.78 22.29 -13.40
C LEU A 185 32.86 23.04 -14.17
N ASP A 186 33.79 23.64 -13.42
CA ASP A 186 34.90 24.40 -13.99
C ASP A 186 36.12 23.48 -14.04
N LYS A 187 36.37 22.91 -15.21
CA LYS A 187 37.51 22.02 -15.43
C LYS A 187 37.49 20.82 -14.47
N GLY A 188 36.29 20.36 -14.13
CA GLY A 188 36.17 19.20 -13.25
C GLY A 188 36.31 19.51 -11.77
N GLN A 189 35.93 20.70 -11.35
CA GLN A 189 35.99 21.10 -9.95
C GLN A 189 34.77 21.94 -9.60
N ILE A 190 34.50 22.05 -8.30
CA ILE A 190 33.34 22.78 -7.81
C ILE A 190 33.78 23.74 -6.72
N ILE A 191 33.06 24.85 -6.63
CA ILE A 191 33.28 25.86 -5.60
C ILE A 191 32.30 25.61 -4.47
N VAL A 192 32.82 25.44 -3.25
CA VAL A 192 32.00 25.14 -2.08
C VAL A 192 32.35 26.12 -0.97
N VAL A 193 31.35 26.41 -0.14
CA VAL A 193 31.49 27.34 0.98
C VAL A 193 31.31 26.55 2.27
N ILE A 194 32.34 26.55 3.12
CA ILE A 194 32.32 25.85 4.39
C ILE A 194 32.23 26.89 5.50
N TRP A 195 31.19 26.78 6.33
CA TRP A 195 31.01 27.68 7.46
C TRP A 195 31.57 27.06 8.74
N LYS A 206 32.41 32.80 6.40
CA LYS A 206 32.45 32.25 5.05
C LYS A 206 33.89 32.00 4.61
N TYR A 207 34.18 30.75 4.26
CA TYR A 207 35.51 30.33 3.80
C TYR A 207 35.32 29.59 2.48
N THR A 208 35.06 30.35 1.42
CA THR A 208 34.83 29.75 0.10
C THR A 208 36.13 29.11 -0.42
N LEU A 209 35.96 28.04 -1.18
CA LEU A 209 37.10 27.36 -1.78
C LEU A 209 36.62 26.52 -2.97
N LYS A 210 37.51 26.37 -3.94
CA LYS A 210 37.25 25.56 -5.13
C LYS A 210 38.08 24.28 -5.04
N ILE A 211 37.42 23.14 -5.23
CA ILE A 211 38.06 21.84 -5.09
C ILE A 211 37.44 20.88 -6.11
N ASN A 212 38.16 19.80 -6.39
CA ASN A 212 37.68 18.81 -7.33
C ASN A 212 36.33 18.23 -6.87
N HIS A 213 35.60 17.65 -7.81
CA HIS A 213 34.35 16.98 -7.49
C HIS A 213 34.57 15.53 -7.09
N ASP A 214 35.62 14.89 -7.60
CA ASP A 214 35.97 13.53 -7.23
C ASP A 214 36.66 13.46 -5.87
N CYS A 215 37.01 14.59 -5.27
N CYS A 215 36.97 14.60 -5.26
CA CYS A 215 37.74 14.57 -4.01
CA CYS A 215 37.69 14.63 -4.00
C CYS A 215 36.85 14.07 -2.88
C CYS A 215 36.83 14.06 -2.88
N VAL A 216 37.47 13.33 -1.95
CA VAL A 216 36.77 12.75 -0.82
C VAL A 216 36.52 13.82 0.24
N PRO A 217 35.43 13.73 1.00
CA PRO A 217 35.23 14.71 2.09
C PRO A 217 36.43 14.88 2.99
N GLU A 218 37.18 13.80 3.26
CA GLU A 218 38.37 13.91 4.10
C GLU A 218 39.40 14.85 3.50
N GLN A 219 39.48 14.90 2.16
CA GLN A 219 40.44 15.80 1.51
C GLN A 219 39.91 17.22 1.40
N VAL A 220 38.59 17.41 1.42
CA VAL A 220 38.06 18.75 1.61
C VAL A 220 38.37 19.23 3.03
N ILE A 221 38.31 18.32 3.99
CA ILE A 221 38.73 18.64 5.36
C ILE A 221 40.22 18.99 5.38
N ALA A 222 41.03 18.23 4.64
CA ALA A 222 42.43 18.58 4.52
C ALA A 222 42.63 19.92 3.82
N GLU A 223 41.71 20.27 2.90
CA GLU A 223 41.75 21.56 2.24
C GLU A 223 41.52 22.72 3.19
N ALA A 224 41.06 22.46 4.40
CA ALA A 224 40.87 23.52 5.39
C ALA A 224 42.22 24.13 5.75
N ILE A 225 42.31 25.46 5.66
CA ILE A 225 43.56 26.15 5.93
C ILE A 225 43.28 27.49 6.61
N ILE A 251 34.44 16.10 10.43
CA ILE A 251 33.27 15.65 9.70
C ILE A 251 32.49 16.85 9.18
N LEU A 252 31.85 16.68 8.02
CA LEU A 252 31.09 17.74 7.38
C LEU A 252 29.59 17.54 7.56
N LYS A 253 28.85 18.64 7.42
CA LYS A 253 27.40 18.62 7.61
C LYS A 253 26.77 19.68 6.72
N VAL A 254 25.58 19.37 6.19
CA VAL A 254 24.85 20.32 5.37
C VAL A 254 24.19 21.35 6.26
N CYS A 255 24.25 22.62 5.84
CA CYS A 255 23.67 23.69 6.63
C CYS A 255 22.14 23.63 6.54
N GLY A 256 21.48 23.61 7.69
CA GLY A 256 20.04 23.68 7.77
C GLY A 256 19.34 22.35 8.01
N CYS A 257 20.07 21.23 7.96
CA CYS A 257 19.46 19.93 8.16
C CYS A 257 20.50 18.97 8.73
N ASP A 258 20.03 17.77 9.10
CA ASP A 258 20.88 16.78 9.75
C ASP A 258 21.29 15.70 8.75
N GLU A 259 22.09 16.12 7.78
CA GLU A 259 22.72 15.23 6.81
C GLU A 259 24.23 15.37 6.95
N TYR A 260 24.92 14.23 7.07
CA TYR A 260 26.34 14.22 7.37
C TYR A 260 27.11 13.41 6.35
N PHE A 261 28.30 13.91 5.99
CA PHE A 261 29.19 13.23 5.03
C PHE A 261 30.14 12.33 5.82
N LEU A 262 29.61 11.18 6.23
CA LEU A 262 30.36 10.28 7.11
C LEU A 262 31.15 9.21 6.36
N GLU A 263 31.12 9.21 5.04
CA GLU A 263 31.84 8.20 4.26
C GLU A 263 32.68 8.89 3.18
N LYS A 264 33.64 8.13 2.65
CA LYS A 264 34.58 8.66 1.68
C LYS A 264 34.00 8.63 0.27
N TYR A 265 32.69 8.75 0.16
CA TYR A 265 32.07 8.80 -1.16
C TYR A 265 32.51 10.07 -1.89
N PRO A 266 32.72 10.00 -3.20
CA PRO A 266 33.02 11.22 -3.96
C PRO A 266 31.98 12.30 -3.68
N LEU A 267 32.46 13.50 -3.38
CA LEU A 267 31.56 14.59 -3.02
C LEU A 267 30.45 14.76 -4.04
N SER A 268 30.73 14.46 -5.31
CA SER A 268 29.69 14.56 -6.34
C SER A 268 28.61 13.52 -6.13
N GLN A 269 28.98 12.33 -5.65
CA GLN A 269 28.01 11.25 -5.48
C GLN A 269 26.99 11.58 -4.40
N TYR A 270 27.31 12.49 -3.48
CA TYR A 270 26.33 12.92 -2.49
C TYR A 270 25.20 13.69 -3.17
N LYS A 271 23.96 13.38 -2.76
CA LYS A 271 22.80 13.93 -3.44
C LYS A 271 22.72 15.44 -3.28
N TYR A 272 23.08 15.97 -2.12
CA TYR A 272 23.01 17.41 -1.92
C TYR A 272 23.95 18.15 -2.86
N ILE A 273 25.19 17.67 -2.99
CA ILE A 273 26.14 18.29 -3.91
C ILE A 273 25.70 18.07 -5.35
N ARG A 274 25.29 16.85 -5.69
CA ARG A 274 24.84 16.56 -7.04
C ARG A 274 23.71 17.47 -7.46
N SER A 275 22.79 17.78 -6.54
CA SER A 275 21.67 18.65 -6.87
C SER A 275 22.11 20.10 -7.05
N CYS A 276 23.02 20.57 -6.18
CA CYS A 276 23.49 21.94 -6.30
C CYS A 276 24.18 22.19 -7.64
N ILE A 277 24.86 21.18 -8.18
CA ILE A 277 25.51 21.34 -9.49
C ILE A 277 24.46 21.54 -10.57
N MET A 278 23.42 20.70 -10.57
CA MET A 278 22.38 20.81 -11.59
C MET A 278 21.67 22.15 -11.51
N LEU A 279 21.19 22.52 -10.32
CA LEU A 279 20.49 23.78 -10.13
C LEU A 279 21.42 24.98 -10.05
N GLY A 280 22.74 24.76 -10.02
CA GLY A 280 23.67 25.87 -9.94
C GLY A 280 23.74 26.54 -8.59
N ARG A 281 23.37 25.83 -7.52
CA ARG A 281 23.38 26.42 -6.19
C ARG A 281 24.77 26.32 -5.56
N MET A 282 25.05 27.23 -4.64
CA MET A 282 26.31 27.20 -3.91
C MET A 282 26.20 26.22 -2.74
N PRO A 283 26.98 25.14 -2.73
CA PRO A 283 26.88 24.17 -1.62
C PRO A 283 27.38 24.74 -0.31
N ASN A 284 26.46 25.15 0.56
CA ASN A 284 26.81 25.67 1.88
C ASN A 284 26.88 24.50 2.86
N LEU A 285 28.09 24.21 3.34
CA LEU A 285 28.32 23.10 4.25
C LEU A 285 28.87 23.63 5.57
N MET A 286 28.90 22.74 6.57
CA MET A 286 29.36 23.07 7.91
C MET A 286 30.31 22.00 8.41
N LEU A 287 31.37 22.44 9.09
CA LEU A 287 32.36 21.54 9.66
C LEU A 287 32.22 21.52 11.18
N MET A 288 32.55 20.36 11.77
CA MET A 288 32.46 20.20 13.22
C MET A 288 33.36 19.04 13.63
N ALA A 289 33.51 18.88 14.94
CA ALA A 289 34.32 17.81 15.49
C ALA A 289 33.51 16.53 15.63
N LYS A 290 34.12 15.41 15.27
CA LYS A 290 33.43 14.12 15.34
C LYS A 290 33.01 13.79 16.77
N GLU A 291 33.77 14.27 17.76
CA GLU A 291 33.40 14.05 19.15
C GLU A 291 32.19 14.87 19.57
N SER A 292 31.92 15.99 18.89
CA SER A 292 30.74 16.78 19.21
C SER A 292 29.47 16.06 18.80
N LEU A 293 29.54 15.17 17.81
CA LEU A 293 28.41 14.37 17.38
C LEU A 293 28.41 12.97 17.98
N TYR A 294 29.57 12.35 18.12
CA TYR A 294 29.65 11.03 18.71
C TYR A 294 29.17 11.02 20.16
N SER A 295 29.23 12.17 20.84
CA SER A 295 28.74 12.24 22.21
C SER A 295 27.21 12.13 22.27
N GLN A 296 26.53 12.55 21.21
CA GLN A 296 25.07 12.50 21.15
C GLN A 296 24.55 11.13 20.70
N LEU A 297 25.42 10.13 20.55
CA LEU A 297 25.00 8.77 20.21
C LEU A 297 24.72 7.99 21.49
N PRO A 298 23.59 7.29 21.59
CA PRO A 298 23.16 6.78 22.90
C PRO A 298 23.43 5.30 23.15
N MET A 299 24.38 4.71 22.42
CA MET A 299 24.80 3.33 22.64
C MET A 299 23.59 2.38 22.69
N ASP A 300 22.86 2.35 21.58
CA ASP A 300 21.66 1.54 21.48
C ASP A 300 21.91 0.12 21.97
N CYS A 301 21.04 -0.37 22.84
CA CYS A 301 21.18 -1.70 23.44
C CYS A 301 19.90 -2.50 23.21
N PHE A 302 20.06 -3.69 22.65
CA PHE A 302 18.96 -4.62 22.43
C PHE A 302 18.90 -5.64 23.55
N THR A 303 17.70 -5.92 24.04
CA THR A 303 17.48 -6.88 25.12
C THR A 303 16.48 -7.92 24.67
N MET A 304 16.81 -9.19 24.87
CA MET A 304 15.93 -10.27 24.46
C MET A 304 14.61 -10.19 25.22
N PRO A 305 13.47 -10.30 24.54
CA PRO A 305 12.18 -10.18 25.24
C PRO A 305 11.84 -11.40 26.08
N SER A 306 10.61 -11.43 26.60
CA SER A 306 10.19 -12.52 27.48
C SER A 306 9.77 -13.75 26.69
N TYR A 307 9.13 -13.56 25.53
CA TYR A 307 8.68 -14.70 24.75
C TYR A 307 9.86 -15.48 24.15
N SER A 308 11.05 -14.88 24.11
CA SER A 308 12.22 -15.65 23.70
C SER A 308 12.56 -16.71 24.73
N ARG A 309 12.45 -16.37 26.02
CA ARG A 309 12.69 -17.36 27.07
C ARG A 309 11.56 -18.39 27.12
N ARG A 310 10.32 -17.91 27.10
CA ARG A 310 9.16 -18.80 27.14
C ARG A 310 7.94 -18.13 26.54
N SER A 323 6.14 -41.50 9.62
CA SER A 323 5.39 -40.50 10.37
C SER A 323 4.98 -39.34 9.47
N THR A 324 5.85 -39.00 8.52
CA THR A 324 5.63 -37.90 7.59
C THR A 324 5.85 -38.40 6.17
N LYS A 325 4.76 -38.75 5.48
CA LYS A 325 4.86 -39.19 4.10
C LYS A 325 5.18 -38.01 3.19
N SER A 326 6.06 -38.24 2.22
CA SER A 326 6.43 -37.20 1.28
C SER A 326 5.26 -36.87 0.36
N LEU A 327 5.24 -35.63 -0.13
CA LEU A 327 4.21 -35.26 -1.10
C LEU A 327 4.31 -36.10 -2.37
N TRP A 328 5.54 -36.47 -2.76
CA TRP A 328 5.72 -37.33 -3.93
C TRP A 328 5.37 -38.78 -3.64
N VAL A 329 5.28 -39.16 -2.37
CA VAL A 329 4.91 -40.54 -2.03
C VAL A 329 3.40 -40.75 -2.18
N ILE A 330 2.61 -39.70 -1.94
CA ILE A 330 1.16 -39.83 -2.06
C ILE A 330 0.81 -40.20 -3.49
N ASN A 331 -0.23 -41.04 -3.64
CA ASN A 331 -0.69 -41.51 -4.95
C ASN A 331 -2.22 -41.38 -4.98
N SER A 332 -2.69 -40.17 -5.23
CA SER A 332 -4.12 -39.89 -5.32
C SER A 332 -4.30 -38.47 -5.85
N ALA A 333 -5.54 -38.15 -6.17
CA ALA A 333 -5.88 -36.82 -6.67
C ALA A 333 -6.21 -35.88 -5.51
N LEU A 334 -6.29 -34.59 -5.84
CA LEU A 334 -6.56 -33.56 -4.84
C LEU A 334 -8.06 -33.36 -4.70
N ARG A 335 -8.55 -33.40 -3.47
CA ARG A 335 -9.98 -33.24 -3.20
C ARG A 335 -10.17 -32.49 -1.90
N ILE A 336 -11.14 -31.57 -1.90
CA ILE A 336 -11.46 -30.75 -0.74
C ILE A 336 -12.97 -30.81 -0.51
N LYS A 337 -13.36 -30.88 0.76
CA LYS A 337 -14.77 -30.98 1.13
C LYS A 337 -15.25 -29.64 1.68
N ILE A 338 -16.21 -29.03 0.98
CA ILE A 338 -16.82 -27.78 1.43
C ILE A 338 -18.00 -28.16 2.30
N LEU A 339 -17.81 -28.14 3.61
CA LEU A 339 -18.81 -28.63 4.56
C LEU A 339 -20.02 -27.71 4.64
N CYS A 340 -19.85 -26.50 5.17
CA CYS A 340 -20.98 -25.60 5.36
C CYS A 340 -20.47 -24.19 5.63
N ALA A 341 -21.41 -23.24 5.57
CA ALA A 341 -21.18 -21.86 5.97
C ALA A 341 -22.27 -21.46 6.96
N THR A 342 -22.08 -20.32 7.62
CA THR A 342 -23.01 -19.88 8.66
C THR A 342 -24.12 -19.00 8.10
N TYR A 343 -23.77 -17.94 7.35
CA TYR A 343 -24.77 -17.03 6.84
C TYR A 343 -24.18 -16.20 5.71
N VAL A 344 -25.07 -15.60 4.92
CA VAL A 344 -24.69 -14.63 3.89
C VAL A 344 -25.72 -13.50 3.93
N ASN A 345 -25.25 -12.30 3.59
CA ASN A 345 -26.08 -11.09 3.66
C ASN A 345 -26.59 -10.75 2.26
N VAL A 346 -27.83 -11.14 1.99
CA VAL A 346 -28.51 -10.75 0.76
C VAL A 346 -29.99 -11.12 0.87
N ASN A 347 -30.86 -10.27 0.36
CA ASN A 347 -32.29 -10.52 0.46
C ASN A 347 -32.71 -11.64 -0.50
N ILE A 348 -33.71 -12.42 -0.07
CA ILE A 348 -34.04 -13.67 -0.75
C ILE A 348 -34.67 -13.45 -2.12
N ARG A 349 -35.29 -12.29 -2.36
CA ARG A 349 -36.00 -12.08 -3.61
C ARG A 349 -35.12 -11.56 -4.73
N ASP A 350 -34.10 -10.77 -4.42
CA ASP A 350 -33.23 -10.19 -5.43
C ASP A 350 -32.05 -11.09 -5.80
N ILE A 351 -31.94 -12.27 -5.18
CA ILE A 351 -30.89 -13.22 -5.50
C ILE A 351 -31.49 -14.62 -5.49
N ASP A 352 -31.19 -15.40 -6.53
CA ASP A 352 -31.81 -16.71 -6.70
C ASP A 352 -31.19 -17.74 -5.75
N LYS A 353 -29.94 -18.11 -5.97
CA LYS A 353 -29.26 -19.11 -5.17
C LYS A 353 -27.85 -18.63 -4.85
N ILE A 354 -27.13 -19.45 -4.08
CA ILE A 354 -25.75 -19.17 -3.71
C ILE A 354 -24.94 -20.45 -3.84
N TYR A 355 -23.64 -20.29 -4.10
CA TYR A 355 -22.74 -21.43 -4.22
C TYR A 355 -21.35 -20.99 -3.82
N VAL A 356 -20.46 -21.97 -3.67
CA VAL A 356 -19.07 -21.73 -3.29
C VAL A 356 -18.19 -21.99 -4.50
N ARG A 357 -17.42 -20.97 -4.91
N ARG A 357 -17.47 -20.95 -4.93
CA ARG A 357 -16.50 -21.11 -6.03
CA ARG A 357 -16.47 -21.07 -5.98
C ARG A 357 -15.09 -21.31 -5.47
C ARG A 357 -15.13 -21.39 -5.35
N THR A 358 -14.45 -22.40 -5.88
CA THR A 358 -13.12 -22.77 -5.41
C THR A 358 -12.17 -22.85 -6.61
N GLY A 359 -10.88 -22.86 -6.30
CA GLY A 359 -9.86 -22.94 -7.32
C GLY A 359 -8.46 -23.09 -6.75
N ILE A 360 -7.66 -23.94 -7.36
CA ILE A 360 -6.27 -24.14 -6.94
C ILE A 360 -5.40 -23.18 -7.73
N TYR A 361 -4.68 -22.32 -7.03
CA TYR A 361 -3.92 -21.25 -7.65
C TYR A 361 -2.44 -21.33 -7.29
N HIS A 362 -1.61 -20.87 -8.21
CA HIS A 362 -0.17 -20.71 -8.02
C HIS A 362 0.14 -19.25 -8.33
N GLY A 363 -0.05 -18.39 -7.35
CA GLY A 363 -0.01 -16.97 -7.60
C GLY A 363 -1.30 -16.49 -8.22
N GLY A 364 -1.21 -15.91 -9.42
CA GLY A 364 -2.40 -15.45 -10.11
C GLY A 364 -2.96 -16.48 -11.07
N GLU A 365 -2.17 -17.48 -11.42
CA GLU A 365 -2.61 -18.46 -12.40
C GLU A 365 -3.22 -19.68 -11.71
N PRO A 366 -4.35 -20.18 -12.23
CA PRO A 366 -4.90 -21.43 -11.69
C PRO A 366 -4.07 -22.62 -12.12
N LEU A 367 -3.86 -23.54 -11.18
CA LEU A 367 -3.17 -24.79 -11.49
C LEU A 367 -4.07 -25.80 -12.18
N CYS A 368 -5.38 -25.58 -12.14
CA CYS A 368 -6.35 -26.45 -12.82
C CYS A 368 -7.67 -25.71 -12.92
N ASP A 369 -8.65 -26.32 -13.56
CA ASP A 369 -9.94 -25.68 -13.74
C ASP A 369 -10.61 -25.45 -12.38
N ASN A 370 -11.27 -24.30 -12.24
CA ASN A 370 -12.01 -24.02 -11.03
C ASN A 370 -13.20 -24.96 -10.91
N VAL A 371 -13.58 -25.25 -9.66
CA VAL A 371 -14.65 -26.21 -9.37
C VAL A 371 -15.66 -25.53 -8.46
N ASN A 372 -16.91 -25.47 -8.93
CA ASN A 372 -18.00 -24.92 -8.13
C ASN A 372 -18.71 -26.04 -7.38
N THR A 373 -19.32 -25.69 -6.25
CA THR A 373 -20.20 -26.60 -5.55
C THR A 373 -21.61 -26.51 -6.15
N GLN A 374 -22.51 -27.35 -5.68
CA GLN A 374 -23.89 -27.25 -6.10
C GLN A 374 -24.51 -25.95 -5.59
N ARG A 375 -25.55 -25.50 -6.29
CA ARG A 375 -26.22 -24.25 -5.95
C ARG A 375 -27.30 -24.54 -4.91
N VAL A 376 -27.18 -23.91 -3.76
CA VAL A 376 -28.12 -24.10 -2.65
C VAL A 376 -28.81 -22.78 -2.38
N PRO A 377 -29.97 -22.82 -1.72
CA PRO A 377 -30.65 -21.57 -1.36
C PRO A 377 -29.85 -20.77 -0.35
N CYS A 378 -30.16 -19.47 -0.29
CA CYS A 378 -29.44 -18.58 0.62
C CYS A 378 -29.58 -19.02 2.07
N SER A 379 -30.73 -19.61 2.42
CA SER A 379 -31.01 -19.94 3.82
C SER A 379 -30.32 -21.21 4.30
N ASN A 380 -29.96 -22.11 3.39
CA ASN A 380 -29.36 -23.40 3.74
C ASN A 380 -27.98 -23.52 3.11
N PRO A 381 -26.99 -22.79 3.63
CA PRO A 381 -25.61 -22.91 3.09
C PRO A 381 -24.90 -24.15 3.63
N ARG A 382 -25.30 -25.30 3.12
CA ARG A 382 -24.68 -26.58 3.48
C ARG A 382 -24.46 -27.41 2.23
N TRP A 383 -23.23 -27.86 2.03
CA TRP A 383 -22.85 -28.60 0.83
C TRP A 383 -22.32 -29.99 1.17
N ASN A 384 -21.29 -30.08 2.01
CA ASN A 384 -20.65 -31.35 2.35
C ASN A 384 -20.35 -32.16 1.09
N GLU A 385 -19.76 -31.47 0.11
CA GLU A 385 -19.47 -32.06 -1.20
C GLU A 385 -17.96 -32.12 -1.37
N TRP A 386 -17.44 -33.33 -1.58
CA TRP A 386 -16.02 -33.51 -1.88
C TRP A 386 -15.74 -33.01 -3.29
N LEU A 387 -15.14 -31.83 -3.39
CA LEU A 387 -14.78 -31.27 -4.68
C LEU A 387 -13.49 -31.90 -5.17
N ASN A 388 -13.52 -32.43 -6.40
CA ASN A 388 -12.37 -33.08 -7.00
C ASN A 388 -11.74 -32.16 -8.04
N TYR A 389 -10.42 -32.02 -8.00
CA TYR A 389 -9.68 -31.17 -8.91
C TYR A 389 -8.83 -32.03 -9.84
N ASP A 390 -8.60 -31.52 -11.05
CA ASP A 390 -7.81 -32.21 -12.06
C ASP A 390 -6.32 -31.92 -11.85
N ILE A 391 -5.80 -32.38 -10.71
CA ILE A 391 -4.40 -32.20 -10.38
C ILE A 391 -3.95 -33.34 -9.48
N TYR A 392 -2.86 -33.98 -9.86
CA TYR A 392 -2.27 -35.07 -9.08
C TYR A 392 -1.48 -34.50 -7.92
N ILE A 393 -1.68 -35.06 -6.72
CA ILE A 393 -1.14 -34.43 -5.51
C ILE A 393 0.37 -34.24 -5.59
N PRO A 394 1.18 -35.24 -5.94
CA PRO A 394 2.63 -35.03 -6.00
C PRO A 394 3.05 -33.90 -6.93
N ASP A 395 2.17 -33.41 -7.79
CA ASP A 395 2.47 -32.31 -8.69
C ASP A 395 2.07 -30.95 -8.14
N LEU A 396 1.56 -30.91 -6.91
CA LEU A 396 1.21 -29.64 -6.29
C LEU A 396 2.47 -28.86 -5.93
N PRO A 397 2.71 -27.69 -6.52
CA PRO A 397 3.92 -26.92 -6.19
C PRO A 397 3.90 -26.46 -4.74
N ARG A 398 5.07 -25.99 -4.30
CA ARG A 398 5.23 -25.61 -2.89
C ARG A 398 4.32 -24.45 -2.51
N ALA A 399 4.15 -23.49 -3.43
CA ALA A 399 3.36 -22.30 -3.15
C ALA A 399 1.89 -22.48 -3.53
N ALA A 400 1.42 -23.71 -3.65
CA ALA A 400 0.03 -23.95 -4.03
C ALA A 400 -0.92 -23.38 -2.99
N ARG A 401 -2.00 -22.77 -3.46
CA ARG A 401 -2.97 -22.11 -2.58
C ARG A 401 -4.38 -22.41 -3.06
N LEU A 402 -5.31 -22.45 -2.10
CA LEU A 402 -6.73 -22.61 -2.38
C LEU A 402 -7.42 -21.26 -2.25
N CYS A 403 -8.14 -20.86 -3.30
CA CYS A 403 -8.88 -19.61 -3.33
C CYS A 403 -10.35 -19.92 -3.50
N LEU A 404 -11.17 -19.49 -2.54
CA LEU A 404 -12.59 -19.78 -2.55
C LEU A 404 -13.38 -18.50 -2.27
N SER A 405 -14.69 -18.59 -2.48
CA SER A 405 -15.58 -17.47 -2.27
C SER A 405 -17.02 -17.97 -2.33
N ILE A 406 -17.90 -17.30 -1.61
CA ILE A 406 -19.33 -17.58 -1.64
C ILE A 406 -19.97 -16.60 -2.62
N CYS A 407 -20.51 -17.12 -3.71
CA CYS A 407 -21.07 -16.31 -4.77
C CYS A 407 -22.59 -16.40 -4.77
N SER A 408 -23.22 -15.38 -5.34
CA SER A 408 -24.67 -15.33 -5.53
C SER A 408 -24.96 -15.34 -7.01
N VAL A 409 -25.76 -16.30 -7.45
CA VAL A 409 -26.20 -16.40 -8.84
C VAL A 409 -27.65 -15.95 -8.92
N LYS A 410 -27.96 -15.18 -9.96
CA LYS A 410 -29.31 -14.66 -10.17
C LYS A 410 -29.63 -14.76 -11.66
N GLY A 411 -30.18 -15.90 -12.06
CA GLY A 411 -30.59 -16.09 -13.44
C GLY A 411 -32.02 -15.63 -13.67
N ARG A 412 -32.19 -14.33 -13.96
CA ARG A 412 -33.52 -13.78 -14.13
C ARG A 412 -33.63 -12.80 -15.29
N LYS A 413 -32.59 -12.67 -16.12
CA LYS A 413 -32.61 -11.75 -17.26
C LYS A 413 -32.02 -12.48 -18.46
N GLY A 414 -32.88 -12.89 -19.39
CA GLY A 414 -32.41 -13.63 -20.55
C GLY A 414 -31.69 -14.90 -20.13
N ALA A 415 -30.79 -15.35 -21.00
CA ALA A 415 -29.97 -16.53 -20.69
C ALA A 415 -28.76 -16.18 -19.84
N LYS A 416 -28.33 -14.91 -19.84
CA LYS A 416 -27.18 -14.50 -19.06
C LYS A 416 -27.57 -14.35 -17.60
N GLU A 417 -26.92 -15.12 -16.73
CA GLU A 417 -27.15 -15.06 -15.29
C GLU A 417 -25.97 -14.38 -14.62
N GLU A 418 -26.26 -13.42 -13.75
CA GLU A 418 -25.22 -12.63 -13.10
C GLU A 418 -24.68 -13.34 -11.87
N HIS A 419 -23.36 -13.29 -11.70
CA HIS A 419 -22.68 -13.87 -10.56
C HIS A 419 -21.95 -12.76 -9.81
N CYS A 420 -22.18 -12.68 -8.50
N CYS A 420 -22.18 -12.67 -8.51
CA CYS A 420 -21.59 -11.66 -7.66
CA CYS A 420 -21.55 -11.65 -7.68
C CYS A 420 -20.93 -12.32 -6.46
C CYS A 420 -20.94 -12.30 -6.45
N PRO A 421 -19.67 -12.04 -6.17
CA PRO A 421 -19.04 -12.59 -4.96
C PRO A 421 -19.52 -11.85 -3.72
N LEU A 422 -19.85 -12.63 -2.69
CA LEU A 422 -20.30 -12.09 -1.41
C LEU A 422 -19.18 -12.04 -0.37
N ALA A 423 -18.34 -13.07 -0.31
CA ALA A 423 -17.20 -13.10 0.58
C ALA A 423 -16.14 -14.02 -0.03
N TRP A 424 -14.91 -13.87 0.45
CA TRP A 424 -13.78 -14.61 -0.11
C TRP A 424 -12.84 -15.03 1.01
N GLY A 425 -11.95 -15.95 0.67
CA GLY A 425 -10.95 -16.44 1.61
C GLY A 425 -9.91 -17.31 0.93
N ASN A 426 -8.66 -17.20 1.37
CA ASN A 426 -7.56 -17.94 0.77
C ASN A 426 -6.84 -18.75 1.85
N ILE A 427 -6.29 -19.89 1.45
CA ILE A 427 -5.63 -20.82 2.36
C ILE A 427 -4.41 -21.41 1.69
N ASN A 428 -3.27 -21.37 2.37
CA ASN A 428 -2.08 -22.05 1.88
C ASN A 428 -2.24 -23.55 2.02
N LEU A 429 -2.05 -24.28 0.92
CA LEU A 429 -2.18 -25.74 0.97
C LEU A 429 -1.07 -26.36 1.81
N PHE A 430 0.11 -25.76 1.82
CA PHE A 430 1.19 -26.13 2.73
C PHE A 430 1.35 -25.03 3.77
N ASP A 431 1.43 -25.42 5.04
CA ASP A 431 1.65 -24.44 6.09
C ASP A 431 3.12 -24.02 6.13
N TYR A 432 3.47 -23.19 7.11
CA TYR A 432 4.84 -22.67 7.18
C TYR A 432 5.85 -23.76 7.52
N THR A 433 5.41 -24.98 7.83
CA THR A 433 6.30 -26.08 8.14
C THR A 433 6.31 -27.15 7.03
N ASP A 434 6.03 -26.74 5.80
CA ASP A 434 6.01 -27.64 4.64
C ASP A 434 5.02 -28.79 4.82
N THR A 435 4.02 -28.62 5.69
CA THR A 435 3.05 -29.66 5.98
C THR A 435 1.77 -29.39 5.20
N LEU A 436 1.35 -30.37 4.40
CA LEU A 436 0.07 -30.27 3.72
C LEU A 436 -1.06 -30.33 4.74
N VAL A 437 -2.11 -29.56 4.50
CA VAL A 437 -3.21 -29.44 5.45
C VAL A 437 -4.07 -30.69 5.39
N SER A 438 -4.59 -31.10 6.55
CA SER A 438 -5.46 -32.26 6.65
C SER A 438 -6.48 -32.01 7.74
N GLY A 439 -7.58 -32.76 7.68
CA GLY A 439 -8.64 -32.63 8.66
C GLY A 439 -9.59 -31.49 8.35
N LYS A 440 -10.43 -31.19 9.34
CA LYS A 440 -11.41 -30.12 9.22
C LYS A 440 -10.77 -28.78 9.57
N MET A 441 -11.36 -27.72 9.03
CA MET A 441 -10.86 -26.37 9.26
C MET A 441 -12.00 -25.37 9.13
N ALA A 442 -12.01 -24.36 10.00
CA ALA A 442 -12.98 -23.28 9.96
C ALA A 442 -12.30 -22.01 9.47
N LEU A 443 -12.98 -21.28 8.60
CA LEU A 443 -12.41 -20.10 7.96
C LEU A 443 -13.45 -18.99 7.91
N ASN A 444 -13.13 -17.84 8.50
CA ASN A 444 -13.99 -16.66 8.43
C ASN A 444 -13.60 -15.82 7.22
N LEU A 445 -14.60 -15.42 6.44
CA LEU A 445 -14.39 -14.81 5.14
C LEU A 445 -14.42 -13.29 5.21
N TRP A 446 -13.75 -12.67 4.24
CA TRP A 446 -13.56 -11.24 4.13
C TRP A 446 -14.61 -10.60 3.23
N PRO A 447 -14.87 -9.31 3.39
CA PRO A 447 -15.73 -8.61 2.44
C PRO A 447 -15.02 -8.43 1.11
N VAL A 448 -15.81 -8.37 0.04
CA VAL A 448 -15.22 -8.20 -1.30
C VAL A 448 -14.71 -6.76 -1.44
N PRO A 449 -13.44 -6.57 -1.81
CA PRO A 449 -12.93 -5.20 -1.94
C PRO A 449 -13.69 -4.42 -3.00
N HIS A 450 -13.77 -3.11 -2.78
CA HIS A 450 -14.51 -2.24 -3.69
C HIS A 450 -13.91 -2.27 -5.09
N GLY A 451 -14.75 -2.48 -6.08
CA GLY A 451 -14.33 -2.52 -7.46
C GLY A 451 -14.00 -3.89 -8.00
N LEU A 452 -13.71 -4.86 -7.14
CA LEU A 452 -13.41 -6.20 -7.61
C LEU A 452 -14.67 -6.86 -8.15
N GLU A 453 -14.62 -7.27 -9.42
CA GLU A 453 -15.73 -7.93 -10.06
C GLU A 453 -15.52 -9.43 -10.27
N ASP A 454 -14.27 -9.91 -10.19
CA ASP A 454 -14.02 -11.33 -10.32
C ASP A 454 -14.69 -12.09 -9.19
N LEU A 455 -14.98 -13.37 -9.45
CA LEU A 455 -15.63 -14.21 -8.45
C LEU A 455 -14.64 -14.75 -7.41
N LEU A 456 -13.34 -14.69 -7.69
CA LEU A 456 -12.32 -15.12 -6.75
C LEU A 456 -11.29 -14.01 -6.61
N ASN A 457 -10.56 -14.04 -5.50
CA ASN A 457 -9.58 -13.01 -5.15
C ASN A 457 -8.26 -13.67 -4.78
N PRO A 458 -7.56 -14.26 -5.76
CA PRO A 458 -6.27 -14.90 -5.46
C PRO A 458 -5.19 -13.93 -5.03
N ILE A 459 -5.28 -12.65 -5.42
CA ILE A 459 -4.32 -11.66 -4.94
C ILE A 459 -4.46 -11.43 -3.44
N GLY A 460 -5.62 -11.76 -2.87
CA GLY A 460 -5.86 -11.48 -1.46
C GLY A 460 -4.95 -12.28 -0.55
N VAL A 461 -4.94 -11.85 0.71
CA VAL A 461 -4.09 -12.46 1.73
C VAL A 461 -4.71 -13.78 2.18
N THR A 462 -3.85 -14.67 2.67
CA THR A 462 -4.29 -15.96 3.19
C THR A 462 -4.53 -15.87 4.70
N GLY A 463 -5.34 -16.78 5.20
CA GLY A 463 -5.69 -16.82 6.60
C GLY A 463 -7.13 -16.41 6.84
N SER A 464 -7.59 -16.67 8.07
CA SER A 464 -8.96 -16.40 8.44
C SER A 464 -9.14 -14.93 8.84
N ASN A 465 -10.38 -14.46 8.74
CA ASN A 465 -10.72 -13.11 9.12
C ASN A 465 -10.78 -13.00 10.65
N PRO A 466 -9.99 -12.13 11.28
CA PRO A 466 -10.06 -12.02 12.74
C PRO A 466 -11.42 -11.54 13.25
N ASN A 467 -12.22 -10.89 12.41
CA ASN A 467 -13.57 -10.49 12.77
C ASN A 467 -14.48 -11.71 12.65
N LYS A 468 -14.83 -12.30 13.80
CA LYS A 468 -15.65 -13.51 13.82
C LYS A 468 -17.13 -13.22 13.62
N GLU A 469 -17.53 -11.96 13.54
CA GLU A 469 -18.91 -11.61 13.20
C GLU A 469 -19.09 -11.53 11.68
N THR A 470 -18.59 -12.56 11.00
CA THR A 470 -18.60 -12.66 9.55
C THR A 470 -18.98 -14.06 9.13
N PRO A 471 -19.31 -14.28 7.85
CA PRO A 471 -19.57 -15.65 7.39
C PRO A 471 -18.38 -16.55 7.64
N CYS A 472 -18.65 -17.76 8.13
CA CYS A 472 -17.62 -18.74 8.46
C CYS A 472 -17.89 -20.01 7.65
N LEU A 473 -16.88 -20.44 6.89
CA LEU A 473 -16.98 -21.61 6.04
C LEU A 473 -16.10 -22.72 6.60
N GLU A 474 -16.70 -23.88 6.86
CA GLU A 474 -15.98 -25.01 7.42
C GLU A 474 -15.58 -25.95 6.30
N LEU A 475 -14.29 -26.29 6.24
CA LEU A 475 -13.73 -27.14 5.21
C LEU A 475 -13.21 -28.43 5.84
N GLU A 476 -12.84 -29.37 4.97
CA GLU A 476 -12.32 -30.65 5.43
C GLU A 476 -11.40 -31.22 4.36
N PHE A 477 -10.11 -31.30 4.66
CA PHE A 477 -9.15 -31.98 3.79
C PHE A 477 -9.03 -33.44 4.21
N ASP A 478 -8.63 -34.27 3.25
CA ASP A 478 -8.47 -35.69 3.54
C ASP A 478 -7.14 -35.95 4.24
N TRP A 479 -6.95 -37.19 4.66
CA TRP A 479 -5.76 -37.60 5.40
C TRP A 479 -5.26 -38.93 4.84
N PHE A 480 -3.95 -39.15 5.00
CA PHE A 480 -3.32 -40.36 4.45
C PHE A 480 -2.62 -41.17 5.52
N SER A 481 -3.29 -41.39 6.65
CA SER A 481 -2.81 -42.19 7.78
C SER A 481 -1.53 -41.63 8.40
N SER A 482 -1.09 -40.46 7.99
CA SER A 482 0.14 -39.87 8.52
C SER A 482 0.22 -38.43 8.02
N VAL A 483 1.24 -37.72 8.46
CA VAL A 483 1.46 -36.35 8.01
C VAL A 483 2.05 -36.37 6.61
N VAL A 484 1.68 -35.38 5.81
CA VAL A 484 2.20 -35.21 4.46
C VAL A 484 3.09 -33.98 4.45
N LYS A 485 4.26 -34.09 3.82
CA LYS A 485 5.22 -33.00 3.81
C LYS A 485 5.85 -32.88 2.43
N PHE A 486 6.32 -31.67 2.12
CA PHE A 486 7.04 -31.45 0.88
C PHE A 486 8.44 -32.05 0.98
N PRO A 487 8.94 -32.69 -0.07
CA PRO A 487 10.27 -33.30 0.01
C PRO A 487 11.38 -32.25 -0.01
N ASP A 488 12.48 -32.57 0.67
CA ASP A 488 13.58 -31.63 0.81
C ASP A 488 14.29 -31.43 -0.53
N MET A 489 14.94 -30.29 -0.67
CA MET A 489 15.53 -29.92 -1.95
C MET A 489 16.61 -30.93 -2.38
N SER A 490 17.41 -31.41 -1.42
CA SER A 490 18.40 -32.43 -1.75
C SER A 490 17.73 -33.74 -2.16
N VAL A 491 16.55 -34.03 -1.58
CA VAL A 491 15.84 -35.28 -1.87
C VAL A 491 14.93 -35.09 -3.08
N ILE A 492 15.14 -34.00 -3.81
CA ILE A 492 14.44 -33.80 -5.09
C ILE A 492 15.37 -33.41 -6.22
N GLU A 493 16.57 -32.90 -5.94
CA GLU A 493 17.48 -32.50 -7.01
C GLU A 493 17.81 -33.66 -7.95
N GLU A 494 17.70 -34.90 -7.48
CA GLU A 494 17.90 -36.04 -8.35
C GLU A 494 16.77 -36.17 -9.37
N HIS A 495 15.55 -35.80 -8.98
CA HIS A 495 14.43 -35.83 -9.92
C HIS A 495 14.70 -34.96 -11.14
N ALA A 496 15.43 -33.85 -10.96
CA ALA A 496 15.75 -32.98 -12.08
C ALA A 496 16.86 -33.57 -12.94
N ASN A 497 17.93 -34.03 -12.31
CA ASN A 497 19.01 -34.67 -13.07
C ASN A 497 18.52 -35.93 -13.77
N TRP A 498 17.49 -36.57 -13.22
CA TRP A 498 16.91 -37.77 -13.83
C TRP A 498 16.27 -37.45 -15.18
N ARG A 524 21.85 -22.76 -31.87
CA ARG A 524 21.67 -22.18 -33.20
C ARG A 524 21.76 -20.66 -33.14
N GLU A 525 21.69 -20.01 -34.31
CA GLU A 525 21.75 -18.56 -34.40
C GLU A 525 20.37 -17.91 -34.48
N ASN A 526 19.51 -18.40 -35.36
CA ASN A 526 18.15 -17.87 -35.44
C ASN A 526 17.44 -17.95 -34.09
N ASP A 527 17.73 -19.00 -33.31
CA ASP A 527 17.15 -19.11 -31.98
C ASP A 527 17.73 -18.10 -31.02
N LYS A 528 18.99 -17.70 -31.22
CA LYS A 528 19.61 -16.70 -30.35
C LYS A 528 18.96 -15.34 -30.54
N GLU A 529 18.60 -14.98 -31.78
CA GLU A 529 17.95 -13.71 -32.03
C GLU A 529 16.58 -13.64 -31.36
N GLN A 530 15.89 -14.77 -31.26
CA GLN A 530 14.58 -14.79 -30.61
C GLN A 530 14.73 -14.66 -29.10
N LEU A 531 15.55 -15.53 -28.49
CA LEU A 531 15.71 -15.50 -27.04
C LEU A 531 16.11 -14.12 -26.54
N LYS A 532 17.03 -13.47 -27.24
CA LYS A 532 17.44 -12.12 -26.84
C LYS A 532 16.27 -11.14 -26.93
N ALA A 533 15.45 -11.29 -27.97
CA ALA A 533 14.31 -10.38 -28.15
C ALA A 533 13.23 -10.62 -27.11
N ILE A 534 13.07 -11.86 -26.65
CA ILE A 534 12.05 -12.15 -25.64
C ILE A 534 12.45 -11.53 -24.29
N SER A 535 13.75 -11.47 -23.99
CA SER A 535 14.18 -10.88 -22.73
C SER A 535 14.02 -9.36 -22.75
N THR A 536 14.05 -8.74 -23.93
CA THR A 536 13.87 -7.30 -24.04
C THR A 536 12.42 -6.88 -23.88
N ARG A 537 11.47 -7.81 -23.98
CA ARG A 537 10.06 -7.48 -23.85
C ARG A 537 9.76 -6.99 -22.43
N ASP A 538 8.58 -6.44 -22.27
CA ASP A 538 8.11 -6.01 -20.96
C ASP A 538 7.47 -7.17 -20.22
N PRO A 539 7.40 -7.09 -18.88
CA PRO A 539 6.91 -8.24 -18.10
C PRO A 539 5.47 -8.63 -18.39
N LEU A 540 4.69 -7.76 -19.03
CA LEU A 540 3.27 -8.05 -19.30
C LEU A 540 2.99 -8.29 -20.77
N SER A 541 4.03 -8.39 -21.60
CA SER A 541 3.82 -8.65 -23.02
C SER A 541 3.28 -10.06 -23.24
N GLU A 542 2.55 -10.23 -24.33
CA GLU A 542 1.96 -11.53 -24.64
C GLU A 542 3.04 -12.58 -24.84
N ILE A 543 2.73 -13.80 -24.41
CA ILE A 543 3.64 -14.94 -24.53
C ILE A 543 2.87 -16.14 -25.06
N THR A 544 3.08 -16.48 -26.32
CA THR A 544 2.35 -17.58 -26.94
C THR A 544 2.85 -18.91 -26.39
N GLU A 545 2.03 -19.94 -26.59
CA GLU A 545 2.41 -21.28 -26.16
C GLU A 545 3.62 -21.79 -26.93
N GLN A 546 3.76 -21.42 -28.19
CA GLN A 546 4.95 -21.80 -28.95
C GLN A 546 6.21 -21.21 -28.33
N GLU A 547 6.13 -19.92 -27.96
CA GLU A 547 7.28 -19.27 -27.32
C GLU A 547 7.55 -19.88 -25.94
N LYS A 548 6.54 -20.46 -25.30
CA LYS A 548 6.76 -21.15 -24.03
C LYS A 548 7.54 -22.45 -24.25
N ASP A 549 7.15 -23.23 -25.26
CA ASP A 549 7.90 -24.43 -25.58
C ASP A 549 9.31 -24.07 -26.06
N PHE A 550 9.43 -22.99 -26.83
CA PHE A 550 10.75 -22.55 -27.27
C PHE A 550 11.62 -22.14 -26.09
N LEU A 551 11.03 -21.47 -25.10
CA LEU A 551 11.79 -21.09 -23.91
C LEU A 551 12.11 -22.30 -23.05
N TRP A 552 11.16 -23.23 -22.91
CA TRP A 552 11.40 -24.42 -22.10
C TRP A 552 12.39 -25.37 -22.77
N SER A 553 12.44 -25.37 -24.11
CA SER A 553 13.36 -26.28 -24.81
C SER A 553 14.80 -25.81 -24.68
N HIS A 554 15.03 -24.49 -24.59
CA HIS A 554 16.37 -23.92 -24.48
C HIS A 554 16.63 -23.35 -23.09
N ARG A 555 16.05 -23.97 -22.07
CA ARG A 555 16.16 -23.44 -20.71
C ARG A 555 17.59 -23.49 -20.19
N HIS A 556 18.46 -24.31 -20.78
CA HIS A 556 19.86 -24.37 -20.36
C HIS A 556 20.73 -23.35 -21.07
N TYR A 557 20.35 -22.94 -22.28
CA TYR A 557 21.07 -21.90 -23.00
C TYR A 557 20.70 -20.50 -22.53
N CYS A 558 19.66 -20.37 -21.69
CA CYS A 558 19.24 -19.07 -21.19
C CYS A 558 20.16 -18.50 -20.12
N VAL A 559 21.07 -19.31 -19.59
CA VAL A 559 21.97 -18.81 -18.55
C VAL A 559 22.89 -17.74 -19.09
N THR A 560 23.20 -17.78 -20.39
CA THR A 560 24.03 -16.75 -20.98
C THR A 560 23.30 -15.41 -21.05
N ILE A 561 21.98 -15.44 -21.15
CA ILE A 561 21.16 -14.24 -21.08
C ILE A 561 20.34 -14.31 -19.80
N PRO A 562 20.91 -13.94 -18.65
CA PRO A 562 20.20 -14.15 -17.38
C PRO A 562 18.89 -13.38 -17.27
N GLU A 563 18.80 -12.21 -17.89
CA GLU A 563 17.62 -11.36 -17.76
C GLU A 563 16.34 -12.03 -18.26
N ILE A 564 16.45 -13.17 -18.95
CA ILE A 564 15.27 -13.84 -19.51
C ILE A 564 14.55 -14.71 -18.49
N LEU A 565 15.07 -14.82 -17.28
CA LEU A 565 14.50 -15.74 -16.28
C LEU A 565 13.01 -15.54 -16.05
N PRO A 566 12.50 -14.32 -15.84
CA PRO A 566 11.06 -14.17 -15.63
C PRO A 566 10.21 -14.80 -16.72
N LYS A 567 10.52 -14.50 -17.99
CA LYS A 567 9.79 -15.12 -19.09
C LYS A 567 9.95 -16.64 -19.08
N LEU A 568 11.11 -17.14 -18.64
CA LEU A 568 11.30 -18.58 -18.56
C LEU A 568 10.43 -19.21 -17.49
N LEU A 569 10.36 -18.58 -16.31
CA LEU A 569 9.53 -19.12 -15.24
C LEU A 569 8.06 -19.17 -15.63
N LEU A 570 7.60 -18.22 -16.46
CA LEU A 570 6.24 -18.27 -16.96
C LEU A 570 6.00 -19.46 -17.89
N SER A 571 7.06 -20.02 -18.48
CA SER A 571 6.93 -21.13 -19.40
C SER A 571 6.85 -22.48 -18.70
N VAL A 572 7.06 -22.52 -17.39
CA VAL A 572 7.07 -23.78 -16.65
C VAL A 572 5.64 -24.26 -16.46
N LYS A 573 5.45 -25.58 -16.49
CA LYS A 573 4.19 -26.20 -16.11
C LYS A 573 4.24 -26.41 -14.60
N TRP A 574 3.73 -25.42 -13.86
CA TRP A 574 3.85 -25.44 -12.41
C TRP A 574 3.02 -26.55 -11.78
N ASN A 575 2.03 -27.10 -12.49
CA ASN A 575 1.29 -28.26 -12.03
C ASN A 575 1.94 -29.58 -12.46
N SER A 576 3.27 -29.60 -12.54
CA SER A 576 4.01 -30.79 -12.93
C SER A 576 5.30 -30.86 -12.11
N ARG A 577 5.43 -31.90 -11.29
CA ARG A 577 6.61 -32.03 -10.45
C ARG A 577 7.87 -32.22 -11.27
N ASP A 578 7.75 -32.78 -12.48
CA ASP A 578 8.92 -33.05 -13.30
C ASP A 578 9.57 -31.75 -13.76
N GLU A 579 8.79 -30.81 -14.28
CA GLU A 579 9.35 -29.56 -14.77
C GLU A 579 9.73 -28.61 -13.64
N VAL A 580 8.99 -28.63 -12.53
CA VAL A 580 9.31 -27.75 -11.41
C VAL A 580 10.67 -28.11 -10.82
N ALA A 581 10.91 -29.41 -10.62
CA ALA A 581 12.19 -29.85 -10.05
C ALA A 581 13.37 -29.38 -10.91
N GLN A 582 13.21 -29.42 -12.23
CA GLN A 582 14.28 -28.98 -13.11
C GLN A 582 14.52 -27.48 -12.98
N MET A 583 13.44 -26.69 -12.96
CA MET A 583 13.60 -25.24 -12.83
C MET A 583 14.26 -24.87 -11.51
N TYR A 584 14.08 -25.68 -10.47
CA TYR A 584 14.77 -25.42 -9.20
C TYR A 584 16.28 -25.46 -9.38
N CYS A 585 16.79 -26.42 -10.16
CA CYS A 585 18.23 -26.56 -10.34
C CYS A 585 18.82 -25.46 -11.21
N LEU A 586 18.00 -24.77 -12.00
CA LEU A 586 18.51 -23.67 -12.82
C LEU A 586 18.65 -22.39 -12.03
N VAL A 587 17.65 -22.06 -11.19
CA VAL A 587 17.74 -20.85 -10.38
C VAL A 587 18.77 -21.01 -9.27
N LYS A 588 19.03 -22.25 -8.84
CA LYS A 588 20.05 -22.48 -7.82
C LYS A 588 21.41 -21.98 -8.30
N ASP A 589 21.74 -22.22 -9.56
CA ASP A 589 23.00 -21.75 -10.12
C ASP A 589 22.74 -20.76 -11.25
N TRP A 590 21.86 -19.79 -11.01
CA TRP A 590 21.53 -18.76 -11.98
C TRP A 590 22.25 -17.47 -11.62
N PRO A 591 22.97 -16.85 -12.55
CA PRO A 591 23.71 -15.64 -12.22
C PRO A 591 22.76 -14.53 -11.79
N PRO A 592 23.16 -13.69 -10.85
CA PRO A 592 22.26 -12.64 -10.36
C PRO A 592 21.89 -11.66 -11.47
N ILE A 593 20.65 -11.19 -11.42
CA ILE A 593 20.17 -10.20 -12.35
C ILE A 593 20.11 -8.85 -11.65
N LYS A 594 19.89 -7.79 -12.42
CA LYS A 594 19.83 -6.45 -11.85
C LYS A 594 18.71 -6.36 -10.82
N PRO A 595 18.84 -5.48 -9.83
CA PRO A 595 17.77 -5.36 -8.83
C PRO A 595 16.42 -5.01 -9.44
N GLU A 596 16.38 -4.01 -10.33
CA GLU A 596 15.11 -3.62 -10.93
C GLU A 596 14.43 -4.78 -11.65
N GLN A 597 15.18 -5.79 -12.08
CA GLN A 597 14.61 -6.97 -12.70
C GLN A 597 14.27 -8.06 -11.69
N ALA A 598 14.98 -8.11 -10.57
CA ALA A 598 14.67 -9.08 -9.53
C ALA A 598 13.37 -8.76 -8.83
N MET A 599 13.01 -7.48 -8.73
CA MET A 599 11.78 -7.10 -8.04
C MET A 599 10.55 -7.71 -8.71
N GLU A 600 10.62 -7.99 -10.01
CA GLU A 600 9.51 -8.65 -10.69
C GLU A 600 9.22 -10.01 -10.08
N LEU A 601 10.27 -10.74 -9.69
CA LEU A 601 10.12 -12.07 -9.12
C LEU A 601 9.50 -12.06 -7.73
N LEU A 602 9.16 -10.89 -7.20
CA LEU A 602 8.54 -10.77 -5.89
C LEU A 602 7.08 -10.40 -5.95
N ASP A 603 6.53 -10.18 -7.14
CA ASP A 603 5.13 -9.78 -7.27
C ASP A 603 4.23 -11.01 -7.08
N CYS A 604 2.95 -10.86 -7.38
CA CYS A 604 1.98 -11.93 -7.18
C CYS A 604 2.05 -13.03 -8.22
N ASN A 605 2.85 -12.87 -9.28
CA ASN A 605 2.97 -13.89 -10.31
C ASN A 605 4.03 -14.94 -9.98
N TYR A 606 4.98 -14.63 -9.11
CA TYR A 606 6.08 -15.54 -8.76
C TYR A 606 6.00 -15.84 -7.27
N PRO A 607 5.18 -16.82 -6.87
CA PRO A 607 5.00 -17.11 -5.45
C PRO A 607 5.96 -18.15 -4.89
N ASP A 608 6.69 -18.87 -5.73
CA ASP A 608 7.47 -20.00 -5.25
C ASP A 608 8.62 -19.53 -4.34
N PRO A 609 8.92 -20.26 -3.27
CA PRO A 609 9.99 -19.81 -2.36
C PRO A 609 11.36 -19.77 -3.02
N MET A 610 11.74 -20.83 -3.75
CA MET A 610 13.04 -20.84 -4.40
C MET A 610 13.19 -19.65 -5.35
N VAL A 611 12.14 -19.34 -6.11
CA VAL A 611 12.20 -18.20 -7.02
C VAL A 611 12.35 -16.90 -6.24
N ARG A 612 11.55 -16.74 -5.18
CA ARG A 612 11.62 -15.51 -4.39
C ARG A 612 12.93 -15.43 -3.61
N GLY A 613 13.50 -16.57 -3.22
CA GLY A 613 14.78 -16.54 -2.54
C GLY A 613 15.90 -16.03 -3.44
N PHE A 614 15.93 -16.49 -4.68
CA PHE A 614 16.90 -15.96 -5.64
C PHE A 614 16.78 -14.45 -5.78
N ALA A 615 15.53 -13.95 -5.86
CA ALA A 615 15.32 -12.52 -5.99
C ALA A 615 15.87 -11.77 -4.77
N VAL A 616 15.63 -12.31 -3.57
CA VAL A 616 16.13 -11.66 -2.37
C VAL A 616 17.65 -11.60 -2.38
N ARG A 617 18.30 -12.68 -2.81
CA ARG A 617 19.76 -12.69 -2.84
C ARG A 617 20.31 -11.69 -3.87
N CYS A 618 19.56 -11.43 -4.94
CA CYS A 618 19.97 -10.39 -5.88
C CYS A 618 19.99 -9.03 -5.20
N LEU A 619 18.93 -8.73 -4.44
CA LEU A 619 18.88 -7.45 -3.72
C LEU A 619 19.96 -7.36 -2.66
N GLU A 620 20.27 -8.48 -2.00
CA GLU A 620 21.28 -8.45 -0.95
C GLU A 620 22.65 -8.07 -1.48
N LYS A 621 22.94 -8.39 -2.75
CA LYS A 621 24.25 -8.17 -3.33
C LYS A 621 24.36 -6.87 -4.12
N TYR A 622 23.29 -6.46 -4.80
CA TYR A 622 23.40 -5.36 -5.77
C TYR A 622 22.38 -4.24 -5.56
N LEU A 623 21.59 -4.29 -4.49
CA LEU A 623 20.60 -3.25 -4.23
C LEU A 623 21.22 -2.21 -3.28
N THR A 624 21.44 -1.00 -3.79
CA THR A 624 22.00 0.06 -2.97
C THR A 624 20.93 0.66 -2.06
N ASP A 625 21.39 1.37 -1.04
CA ASP A 625 20.47 1.89 -0.02
C ASP A 625 19.56 2.98 -0.57
N ASP A 626 20.03 3.77 -1.54
CA ASP A 626 19.18 4.81 -2.10
C ASP A 626 18.11 4.24 -3.03
N LYS A 627 18.44 3.18 -3.77
CA LYS A 627 17.43 2.49 -4.55
C LYS A 627 16.45 1.75 -3.64
N LEU A 628 16.97 1.19 -2.54
CA LEU A 628 16.08 0.58 -1.55
C LEU A 628 15.12 1.61 -0.97
N SER A 629 15.61 2.80 -0.66
CA SER A 629 14.72 3.86 -0.18
C SER A 629 13.79 4.33 -1.29
N GLN A 630 14.25 4.29 -2.54
CA GLN A 630 13.42 4.77 -3.64
C GLN A 630 12.29 3.80 -3.97
N TYR A 631 12.53 2.49 -3.79
CA TYR A 631 11.54 1.46 -4.09
C TYR A 631 10.90 0.88 -2.83
N LEU A 632 11.05 1.56 -1.69
CA LEU A 632 10.60 0.97 -0.42
C LEU A 632 9.09 0.77 -0.39
N ILE A 633 8.32 1.64 -1.04
CA ILE A 633 6.87 1.50 -1.04
C ILE A 633 6.48 0.14 -1.60
N GLN A 634 6.98 -0.19 -2.80
CA GLN A 634 6.62 -1.47 -3.42
C GLN A 634 7.16 -2.64 -2.60
N LEU A 635 8.40 -2.55 -2.12
CA LEU A 635 8.98 -3.65 -1.35
C LEU A 635 8.20 -3.93 -0.08
N VAL A 636 7.53 -2.92 0.47
CA VAL A 636 6.66 -3.16 1.62
C VAL A 636 5.35 -3.81 1.18
N GLN A 637 4.83 -3.39 0.02
CA GLN A 637 3.55 -3.92 -0.44
C GLN A 637 3.66 -5.41 -0.78
N VAL A 638 4.79 -5.82 -1.36
CA VAL A 638 4.94 -7.23 -1.74
C VAL A 638 5.01 -8.14 -0.53
N LEU A 639 5.27 -7.60 0.66
CA LEU A 639 5.22 -8.43 1.87
C LEU A 639 3.85 -9.07 2.03
N LYS A 640 2.79 -8.41 1.55
CA LYS A 640 1.45 -8.97 1.67
C LYS A 640 1.30 -10.24 0.84
N TYR A 641 2.10 -10.39 -0.23
CA TYR A 641 1.99 -11.55 -1.10
C TYR A 641 2.62 -12.81 -0.50
N GLU A 642 3.53 -12.66 0.47
CA GLU A 642 4.20 -13.80 1.04
C GLU A 642 3.22 -14.74 1.72
N GLN A 643 3.40 -16.05 1.49
CA GLN A 643 2.53 -17.03 2.11
C GLN A 643 2.64 -17.01 3.62
N TYR A 644 3.85 -16.80 4.14
CA TYR A 644 4.13 -16.99 5.56
C TYR A 644 4.82 -15.74 6.12
N LEU A 645 4.77 -15.63 7.45
CA LEU A 645 5.35 -14.47 8.12
C LEU A 645 6.87 -14.49 8.04
N ASP A 646 7.47 -15.65 8.27
CA ASP A 646 8.93 -15.79 8.29
C ASP A 646 9.39 -16.15 6.88
N ASN A 647 9.87 -15.16 6.14
CA ASN A 647 10.42 -15.38 4.81
C ASN A 647 11.71 -14.59 4.67
N LEU A 648 12.45 -14.87 3.59
CA LEU A 648 13.72 -14.19 3.37
C LEU A 648 13.54 -12.72 3.06
N LEU A 649 12.45 -12.35 2.39
CA LEU A 649 12.24 -10.95 2.04
C LEU A 649 12.05 -10.10 3.29
N VAL A 650 11.23 -10.56 4.23
CA VAL A 650 10.98 -9.77 5.43
C VAL A 650 12.22 -9.69 6.31
N ARG A 651 13.05 -10.73 6.30
CA ARG A 651 14.30 -10.68 7.07
C ARG A 651 15.28 -9.70 6.44
N PHE A 652 15.35 -9.68 5.10
CA PHE A 652 16.21 -8.71 4.42
C PHE A 652 15.77 -7.28 4.70
N LEU A 653 14.47 -7.02 4.57
CA LEU A 653 13.96 -5.67 4.78
C LEU A 653 14.14 -5.23 6.23
N LEU A 654 13.87 -6.12 7.18
CA LEU A 654 14.04 -5.76 8.59
C LEU A 654 15.50 -5.49 8.90
N LYS A 655 16.41 -6.27 8.32
CA LYS A 655 17.84 -6.04 8.55
C LYS A 655 18.25 -4.65 8.09
N LYS A 656 17.85 -4.28 6.87
CA LYS A 656 18.22 -2.97 6.34
C LYS A 656 17.60 -1.84 7.17
N ALA A 657 16.36 -2.04 7.63
CA ALA A 657 15.72 -1.03 8.46
C ALA A 657 16.48 -0.83 9.77
N LEU A 658 17.13 -1.87 10.26
CA LEU A 658 17.86 -1.81 11.52
C LEU A 658 19.32 -1.39 11.35
N THR A 659 19.80 -1.27 10.12
CA THR A 659 21.16 -0.80 9.86
C THR A 659 21.20 0.53 9.14
N ASN A 660 20.06 1.08 8.73
CA ASN A 660 19.99 2.40 8.11
C ASN A 660 18.75 3.09 8.65
N GLN A 661 18.95 4.19 9.40
CA GLN A 661 17.82 4.84 10.04
C GLN A 661 16.95 5.59 9.05
N ARG A 662 17.54 6.11 7.98
CA ARG A 662 16.72 6.73 6.93
C ARG A 662 15.78 5.72 6.30
N ILE A 663 16.22 4.46 6.19
CA ILE A 663 15.35 3.40 5.68
C ILE A 663 14.34 2.99 6.75
N GLY A 664 14.80 2.84 7.99
CA GLY A 664 13.89 2.43 9.05
C GLY A 664 12.76 3.41 9.28
N HIS A 665 13.05 4.70 9.14
CA HIS A 665 12.03 5.72 9.38
C HIS A 665 10.81 5.52 8.49
N PHE A 666 11.04 5.38 7.18
CA PHE A 666 9.93 5.16 6.26
C PHE A 666 9.42 3.72 6.32
N PHE A 667 10.29 2.77 6.60
CA PHE A 667 9.85 1.40 6.88
C PHE A 667 8.77 1.39 7.95
N PHE A 668 9.01 2.11 9.05
CA PHE A 668 8.04 2.16 10.14
C PHE A 668 6.73 2.81 9.69
N TRP A 669 6.82 3.95 9.00
CA TRP A 669 5.61 4.70 8.66
C TRP A 669 4.79 4.03 7.57
N HIS A 670 5.46 3.32 6.64
CA HIS A 670 4.71 2.57 5.64
C HIS A 670 3.92 1.43 6.28
N LEU A 671 4.52 0.75 7.25
CA LEU A 671 3.80 -0.29 7.98
C LEU A 671 2.72 0.31 8.86
N LYS A 672 3.07 1.35 9.63
CA LYS A 672 2.11 1.95 10.55
C LYS A 672 0.87 2.48 9.82
N SER A 673 1.06 3.01 8.62
CA SER A 673 -0.06 3.61 7.89
C SER A 673 -1.12 2.60 7.48
N GLU A 674 -0.84 1.30 7.62
CA GLU A 674 -1.81 0.27 7.25
C GLU A 674 -2.19 -0.62 8.43
N MET A 675 -1.78 -0.26 9.65
CA MET A 675 -2.18 -1.06 10.81
C MET A 675 -3.68 -1.08 11.01
N HIS A 676 -4.41 -0.11 10.44
CA HIS A 676 -5.86 -0.12 10.49
C HIS A 676 -6.45 -1.21 9.60
N ASN A 677 -5.69 -1.66 8.60
CA ASN A 677 -6.17 -2.64 7.64
C ASN A 677 -6.06 -4.04 8.23
N LYS A 678 -7.21 -4.64 8.56
CA LYS A 678 -7.21 -5.91 9.27
C LYS A 678 -6.64 -7.05 8.43
N THR A 679 -6.52 -6.88 7.11
CA THR A 679 -5.94 -7.94 6.28
C THR A 679 -4.45 -8.12 6.56
N VAL A 680 -3.77 -7.06 7.02
CA VAL A 680 -2.34 -7.09 7.24
C VAL A 680 -1.93 -6.58 8.61
N SER A 681 -2.88 -6.23 9.47
CA SER A 681 -2.53 -5.61 10.75
C SER A 681 -1.71 -6.57 11.61
N GLN A 682 -2.01 -7.86 11.58
CA GLN A 682 -1.25 -8.81 12.38
C GLN A 682 0.16 -9.00 11.82
N ARG A 683 0.29 -9.13 10.50
CA ARG A 683 1.61 -9.25 9.89
C ARG A 683 2.44 -8.00 10.14
N PHE A 684 1.90 -6.84 9.79
CA PHE A 684 2.62 -5.59 9.99
C PHE A 684 2.79 -5.25 11.46
N GLY A 685 1.91 -5.76 12.33
CA GLY A 685 2.08 -5.53 13.75
C GLY A 685 3.24 -6.32 14.33
N LEU A 686 3.39 -7.57 13.89
CA LEU A 686 4.51 -8.39 14.36
C LEU A 686 5.83 -7.84 13.83
N LEU A 687 5.85 -7.39 12.58
CA LEU A 687 7.07 -6.82 12.02
C LEU A 687 7.45 -5.53 12.74
N LEU A 688 6.47 -4.68 13.04
CA LEU A 688 6.74 -3.45 13.76
C LEU A 688 7.26 -3.73 15.16
N GLU A 689 6.72 -4.76 15.81
CA GLU A 689 7.21 -5.13 17.14
C GLU A 689 8.68 -5.47 17.11
N SER A 690 9.08 -6.34 16.15
CA SER A 690 10.48 -6.72 16.05
C SER A 690 11.37 -5.52 15.73
N TYR A 691 10.85 -4.54 14.98
CA TYR A 691 11.64 -3.38 14.61
C TYR A 691 11.81 -2.43 15.79
N CYS A 692 10.70 -2.01 16.40
CA CYS A 692 10.79 -1.10 17.54
C CYS A 692 11.61 -1.70 18.67
N ARG A 693 11.57 -3.03 18.82
CA ARG A 693 12.34 -3.71 19.86
C ARG A 693 13.84 -3.64 19.61
N ALA A 694 14.26 -3.23 18.41
CA ALA A 694 15.68 -3.22 18.06
C ALA A 694 16.14 -1.93 17.39
N CYS A 695 15.25 -0.98 17.10
CA CYS A 695 15.65 0.24 16.43
C CYS A 695 16.45 1.18 17.34
N GLY A 696 16.64 0.83 18.62
CA GLY A 696 17.47 1.65 19.47
C GLY A 696 16.73 2.91 19.93
N MET A 697 17.48 4.00 20.04
CA MET A 697 16.96 5.24 20.60
C MET A 697 16.02 5.98 19.66
N TYR A 698 15.93 5.57 18.39
CA TYR A 698 15.00 6.23 17.49
C TYR A 698 13.55 5.92 17.83
N LEU A 699 13.29 4.91 18.66
CA LEU A 699 11.93 4.67 19.12
C LEU A 699 11.39 5.87 19.89
N LYS A 700 12.25 6.54 20.66
CA LYS A 700 11.82 7.74 21.38
C LYS A 700 11.40 8.84 20.41
N HIS A 701 12.18 9.04 19.35
CA HIS A 701 11.83 10.06 18.36
C HIS A 701 10.58 9.68 17.59
N LEU A 702 10.41 8.38 17.30
CA LEU A 702 9.21 7.94 16.58
C LEU A 702 7.96 8.15 17.42
N ASN A 703 8.04 7.88 18.73
CA ASN A 703 6.89 8.13 19.59
C ASN A 703 6.56 9.61 19.64
N ARG A 704 7.58 10.46 19.63
CA ARG A 704 7.34 11.90 19.57
C ARG A 704 6.60 12.28 18.30
N GLN A 705 6.94 11.63 17.17
CA GLN A 705 6.22 11.88 15.93
C GLN A 705 4.78 11.36 16.01
N VAL A 706 4.59 10.19 16.64
CA VAL A 706 3.28 9.58 16.69
C VAL A 706 2.32 10.43 17.52
N GLU A 707 2.74 10.83 18.72
CA GLU A 707 1.86 11.62 19.57
C GLU A 707 1.58 12.99 18.97
N ALA A 708 2.52 13.54 18.19
CA ALA A 708 2.25 14.78 17.48
C ALA A 708 1.13 14.58 16.46
N MET A 709 1.20 13.50 15.70
CA MET A 709 0.15 13.21 14.72
C MET A 709 -1.17 12.92 15.42
N GLU A 710 -1.13 12.26 16.58
CA GLU A 710 -2.37 11.90 17.27
C GLU A 710 -3.14 13.14 17.73
N LYS A 711 -2.43 14.19 18.13
CA LYS A 711 -3.11 15.42 18.53
C LYS A 711 -3.61 16.21 17.33
N LEU A 712 -2.91 16.13 16.19
CA LEU A 712 -3.43 16.75 14.97
C LEU A 712 -4.67 16.02 14.46
N ILE A 713 -4.71 14.70 14.64
CA ILE A 713 -5.90 13.94 14.27
C ILE A 713 -7.07 14.32 15.16
N ASN A 714 -6.82 14.47 16.47
CA ASN A 714 -7.89 14.83 17.38
C ASN A 714 -8.39 16.26 17.11
N LEU A 715 -7.47 17.17 16.80
CA LEU A 715 -7.87 18.55 16.50
C LEU A 715 -8.74 18.62 15.26
N THR A 716 -8.32 17.97 14.18
CA THR A 716 -9.09 18.01 12.94
C THR A 716 -10.38 17.20 13.06
N ASP A 717 -10.41 16.20 13.95
CA ASP A 717 -11.65 15.47 14.18
C ASP A 717 -12.68 16.36 14.85
N ILE A 718 -12.25 17.23 15.76
CA ILE A 718 -13.18 18.16 16.42
C ILE A 718 -13.73 19.15 15.42
N LEU A 719 -12.87 19.68 14.54
CA LEU A 719 -13.31 20.71 13.61
C LEU A 719 -14.29 20.17 12.57
N LYS A 720 -14.16 18.90 12.19
CA LYS A 720 -15.01 18.31 11.17
C LYS A 720 -16.14 17.47 11.74
N GLN A 721 -16.36 17.52 13.06
CA GLN A 721 -17.46 16.77 13.67
C GLN A 721 -18.36 17.69 14.48
N GLU A 722 -17.91 18.09 15.67
CA GLU A 722 -18.73 18.91 16.54
C GLU A 722 -18.77 20.37 16.11
N LYS A 723 -17.77 20.85 15.37
CA LYS A 723 -17.67 22.25 14.99
C LYS A 723 -17.67 22.42 13.47
N LYS A 724 -18.37 21.53 12.76
CA LYS A 724 -18.43 21.61 11.30
C LYS A 724 -19.40 22.67 10.82
N ASP A 725 -20.38 23.06 11.65
CA ASP A 725 -21.34 24.10 11.30
C ASP A 725 -21.02 25.43 11.97
N GLU A 726 -19.75 25.78 12.05
CA GLU A 726 -19.31 27.06 12.60
C GLU A 726 -18.41 27.74 11.60
N THR A 727 -18.34 29.07 11.71
CA THR A 727 -17.54 29.85 10.76
C THR A 727 -16.05 29.69 11.05
N GLN A 728 -15.25 30.06 10.05
CA GLN A 728 -13.79 29.96 10.20
C GLN A 728 -13.29 30.89 11.30
N LYS A 729 -13.98 32.01 11.53
CA LYS A 729 -13.60 32.89 12.63
C LYS A 729 -13.74 32.17 13.97
N VAL A 730 -14.79 31.36 14.12
CA VAL A 730 -14.98 30.62 15.36
C VAL A 730 -13.97 29.47 15.45
N GLN A 731 -13.77 28.75 14.35
CA GLN A 731 -12.88 27.59 14.38
C GLN A 731 -11.44 28.03 14.63
N MET A 732 -11.00 29.11 13.99
CA MET A 732 -9.64 29.60 14.24
C MET A 732 -9.46 30.04 15.68
N LYS A 733 -10.46 30.71 16.25
CA LYS A 733 -10.41 31.06 17.66
C LYS A 733 -10.27 29.81 18.53
N PHE A 734 -11.00 28.75 18.19
CA PHE A 734 -10.86 27.50 18.91
C PHE A 734 -9.48 26.88 18.68
N LEU A 735 -8.95 26.99 17.46
CA LEU A 735 -7.66 26.40 17.15
C LEU A 735 -6.53 27.09 17.92
N VAL A 736 -6.44 28.42 17.80
CA VAL A 736 -5.38 29.15 18.50
C VAL A 736 -5.52 28.98 20.00
N GLU A 737 -6.73 28.76 20.49
CA GLU A 737 -6.92 28.52 21.92
C GLU A 737 -6.33 27.17 22.32
N GLN A 738 -6.66 26.12 21.57
CA GLN A 738 -6.18 24.79 21.91
C GLN A 738 -4.67 24.67 21.68
N MET A 739 -4.17 25.23 20.59
CA MET A 739 -2.75 25.12 20.28
C MET A 739 -1.85 25.84 21.26
N ARG A 740 -2.40 26.73 22.09
CA ARG A 740 -1.62 27.44 23.09
C ARG A 740 -1.53 26.70 24.42
N ARG A 741 -2.18 25.54 24.54
CA ARG A 741 -2.14 24.78 25.78
C ARG A 741 -0.75 24.17 25.99
N PRO A 742 -0.41 23.84 27.23
CA PRO A 742 0.91 23.24 27.48
C PRO A 742 1.05 21.85 26.89
N ASP A 743 0.03 20.99 27.04
CA ASP A 743 0.12 19.65 26.49
C ASP A 743 0.24 19.66 24.97
N PHE A 744 -0.35 20.66 24.32
CA PHE A 744 -0.31 20.71 22.86
C PHE A 744 1.02 21.24 22.34
N MET A 745 1.60 22.23 23.03
CA MET A 745 2.88 22.77 22.61
C MET A 745 4.00 21.76 22.83
N ASP A 746 3.94 21.00 23.92
CA ASP A 746 4.98 20.00 24.19
C ASP A 746 4.97 18.90 23.13
N ALA A 747 3.79 18.52 22.64
CA ALA A 747 3.69 17.41 21.71
C ALA A 747 4.01 17.82 20.28
N LEU A 748 3.71 19.06 19.90
CA LEU A 748 3.87 19.53 18.53
C LEU A 748 5.04 20.50 18.37
N GLN A 749 6.06 20.37 19.20
CA GLN A 749 7.27 21.18 19.08
C GLN A 749 8.48 20.34 19.43
N GLY A 750 9.53 20.47 18.61
CA GLY A 750 10.77 19.75 18.85
C GLY A 750 10.72 18.28 18.50
N PHE A 751 10.50 17.98 17.23
CA PHE A 751 10.48 16.59 16.77
C PHE A 751 10.84 16.55 15.29
N LEU A 752 11.17 15.36 14.81
CA LEU A 752 11.59 15.19 13.42
C LEU A 752 10.39 15.09 12.50
N SER A 753 10.51 15.68 11.32
CA SER A 753 9.42 15.67 10.36
C SER A 753 9.25 14.28 9.76
N PRO A 754 8.06 13.70 9.82
CA PRO A 754 7.87 12.38 9.17
C PRO A 754 8.13 12.40 7.68
N LEU A 755 7.98 13.55 7.02
CA LEU A 755 8.31 13.64 5.60
C LEU A 755 9.80 13.48 5.37
N ASN A 756 10.61 13.90 6.33
CA ASN A 756 12.07 13.84 6.21
C ASN A 756 12.70 13.95 7.59
N PRO A 757 13.13 12.84 8.19
CA PRO A 757 13.70 12.91 9.54
C PRO A 757 14.94 13.77 9.64
N ALA A 758 15.56 14.13 8.51
CA ALA A 758 16.67 15.08 8.56
C ALA A 758 16.21 16.50 8.85
N HIS A 759 14.92 16.78 8.72
CA HIS A 759 14.36 18.09 9.03
C HIS A 759 13.83 18.10 10.45
N GLN A 760 14.28 19.07 11.23
CA GLN A 760 13.85 19.23 12.61
C GLN A 760 12.70 20.23 12.66
N LEU A 761 11.54 19.77 13.15
CA LEU A 761 10.39 20.65 13.33
C LEU A 761 10.49 21.25 14.73
N GLY A 762 11.15 22.41 14.81
CA GLY A 762 11.35 23.07 16.08
C GLY A 762 10.06 23.61 16.68
N ASN A 763 10.00 24.92 16.88
CA ASN A 763 8.86 25.55 17.51
C ASN A 763 7.86 26.04 16.46
N LEU A 764 6.60 26.11 16.86
CA LEU A 764 5.53 26.49 15.95
C LEU A 764 5.49 27.99 15.72
N ARG A 765 5.18 28.38 14.49
CA ARG A 765 4.89 29.77 14.14
C ARG A 765 3.36 29.90 14.04
N LEU A 766 2.73 30.16 15.18
CA LEU A 766 1.26 30.16 15.22
C LEU A 766 0.66 31.18 14.27
N GLU A 767 1.38 32.26 13.96
CA GLU A 767 0.85 33.27 13.06
C GLU A 767 0.76 32.76 11.63
N GLU A 768 1.51 31.73 11.27
CA GLU A 768 1.45 31.16 9.93
C GLU A 768 0.50 29.97 9.84
N CYS A 769 0.28 29.27 10.95
CA CYS A 769 -0.68 28.17 10.95
C CYS A 769 -2.09 28.71 10.73
N ARG A 770 -2.88 27.97 9.94
CA ARG A 770 -4.22 28.40 9.62
C ARG A 770 -5.01 27.23 9.04
N ILE A 771 -6.30 27.20 9.36
CA ILE A 771 -7.19 26.22 8.75
C ILE A 771 -7.44 26.61 7.31
N MET A 772 -7.21 25.67 6.39
CA MET A 772 -7.40 25.95 4.97
C MET A 772 -8.89 26.07 4.64
N SER A 773 -9.22 27.07 3.82
CA SER A 773 -10.61 27.36 3.46
C SER A 773 -11.05 26.43 2.33
N SER A 774 -11.19 25.15 2.68
CA SER A 774 -11.63 24.12 1.74
C SER A 774 -12.58 23.17 2.46
N ALA A 775 -13.27 22.36 1.66
CA ALA A 775 -14.28 21.46 2.22
C ALA A 775 -13.67 20.48 3.22
N LYS A 776 -12.53 19.89 2.87
CA LYS A 776 -11.90 18.90 3.75
C LYS A 776 -11.29 19.52 4.99
N ARG A 777 -11.17 20.85 5.05
CA ARG A 777 -10.58 21.55 6.19
C ARG A 777 -9.20 21.01 6.53
N PRO A 778 -8.25 21.06 5.59
CA PRO A 778 -6.87 20.70 5.91
C PRO A 778 -6.18 21.82 6.68
N LEU A 779 -5.09 21.46 7.35
CA LEU A 779 -4.34 22.38 8.20
C LEU A 779 -2.96 22.63 7.63
N LYS A 780 -2.64 23.91 7.45
CA LYS A 780 -1.28 24.33 7.10
C LYS A 780 -0.53 24.66 8.38
N LEU A 781 0.62 24.02 8.57
CA LEU A 781 1.42 24.18 9.78
C LEU A 781 2.80 24.68 9.41
N ASN A 782 3.40 25.44 10.33
CA ASN A 782 4.70 26.07 10.10
C ASN A 782 5.56 25.90 11.34
N TRP A 783 6.75 25.32 11.16
CA TRP A 783 7.72 25.16 12.24
C TRP A 783 9.00 25.91 11.90
N GLU A 784 9.69 26.36 12.95
CA GLU A 784 11.00 26.94 12.79
C GLU A 784 12.04 25.83 12.66
N ASN A 785 13.03 26.06 11.81
CA ASN A 785 14.13 25.11 11.67
C ASN A 785 15.19 25.43 12.72
N PRO A 786 15.27 24.64 13.80
CA PRO A 786 16.18 25.00 14.90
C PRO A 786 17.65 24.83 14.58
N ASP A 787 18.01 24.41 13.36
CA ASP A 787 19.41 24.27 13.00
C ASP A 787 20.10 25.63 13.09
N ILE A 788 21.35 25.62 13.55
CA ILE A 788 22.10 26.87 13.69
C ILE A 788 22.20 27.59 12.36
N MET A 789 22.61 26.87 11.31
CA MET A 789 22.72 27.42 9.98
C MET A 789 21.43 27.26 9.17
N SER A 790 20.28 27.47 9.81
CA SER A 790 19.00 27.30 9.12
C SER A 790 18.78 28.35 8.04
N GLU A 791 19.51 29.47 8.09
CA GLU A 791 19.32 30.51 7.08
C GLU A 791 19.83 30.07 5.71
N LEU A 792 20.79 29.14 5.68
CA LEU A 792 21.37 28.74 4.41
C LEU A 792 20.38 27.94 3.57
N LEU A 793 19.57 27.09 4.20
CA LEU A 793 18.64 26.25 3.47
C LEU A 793 17.23 26.80 3.56
N PHE A 794 16.54 26.55 4.67
CA PHE A 794 15.18 27.03 4.85
C PHE A 794 14.95 27.39 6.32
N GLN A 795 14.30 28.52 6.55
CA GLN A 795 13.96 28.94 7.90
C GLN A 795 12.55 28.53 8.30
N ASN A 796 11.65 28.39 7.34
CA ASN A 796 10.28 27.98 7.58
C ASN A 796 10.07 26.58 7.02
N ASN A 797 9.50 25.70 7.84
CA ASN A 797 9.19 24.33 7.45
C ASN A 797 7.67 24.18 7.50
N GLU A 798 7.03 24.23 6.33
CA GLU A 798 5.58 24.22 6.24
C GLU A 798 5.09 22.88 5.70
N ILE A 799 4.02 22.38 6.31
CA ILE A 799 3.45 21.08 5.96
C ILE A 799 1.92 21.20 6.00
N MET A 800 1.27 20.57 5.02
CA MET A 800 -0.19 20.46 5.03
C MET A 800 -0.58 19.14 5.67
N PHE A 801 -1.47 19.20 6.66
CA PHE A 801 -1.97 18.03 7.34
C PHE A 801 -3.39 17.74 6.86
N LYS A 802 -3.60 16.58 6.25
CA LYS A 802 -4.88 16.19 5.68
C LYS A 802 -5.46 15.03 6.47
N ASN A 803 -6.73 15.16 6.83
CA ASN A 803 -7.46 14.12 7.56
C ASN A 803 -8.82 13.94 6.87
N GLY A 804 -8.90 12.93 6.00
CA GLY A 804 -10.13 12.66 5.29
C GLY A 804 -9.93 12.18 3.87
N ASP A 805 -8.79 12.51 3.27
CA ASP A 805 -8.48 12.14 1.90
C ASP A 805 -7.42 11.05 1.87
N ASP A 806 -7.68 9.99 1.13
CA ASP A 806 -6.70 8.94 0.93
C ASP A 806 -5.55 9.47 0.08
N LEU A 807 -4.33 9.46 0.63
CA LEU A 807 -3.16 10.03 -0.03
C LEU A 807 -2.23 8.96 -0.59
N ARG A 808 -2.61 7.68 -0.51
CA ARG A 808 -1.74 6.63 -1.04
C ARG A 808 -1.52 6.79 -2.54
N GLN A 809 -2.58 7.15 -3.27
CA GLN A 809 -2.44 7.28 -4.73
C GLN A 809 -1.50 8.42 -5.09
N ASP A 810 -1.59 9.56 -4.39
CA ASP A 810 -0.69 10.67 -4.66
C ASP A 810 0.69 10.47 -4.07
N MET A 811 0.81 9.66 -3.02
CA MET A 811 2.13 9.23 -2.57
C MET A 811 2.80 8.36 -3.63
N LEU A 812 2.04 7.45 -4.24
CA LEU A 812 2.60 6.61 -5.29
C LEU A 812 2.94 7.40 -6.54
N THR A 813 2.05 8.31 -6.94
CA THR A 813 2.30 9.10 -8.15
C THR A 813 3.56 9.95 -8.00
N LEU A 814 3.72 10.61 -6.86
CA LEU A 814 4.93 11.41 -6.64
C LEU A 814 6.17 10.53 -6.63
N GLN A 815 6.07 9.31 -6.11
CA GLN A 815 7.20 8.40 -6.14
C GLN A 815 7.56 8.04 -7.58
N ILE A 816 6.56 7.67 -8.38
CA ILE A 816 6.81 7.33 -9.77
C ILE A 816 7.43 8.52 -10.51
N ILE A 817 6.94 9.73 -10.24
CA ILE A 817 7.50 10.91 -10.87
C ILE A 817 8.93 11.14 -10.41
N ARG A 818 9.21 10.93 -9.12
CA ARG A 818 10.57 11.03 -8.63
C ARG A 818 11.47 10.01 -9.32
N ILE A 819 10.95 8.81 -9.59
CA ILE A 819 11.72 7.80 -10.30
C ILE A 819 11.92 8.21 -11.75
N MET A 820 10.90 8.81 -12.37
CA MET A 820 11.05 9.27 -13.75
C MET A 820 12.12 10.34 -13.88
N GLU A 821 12.15 11.29 -12.93
CA GLU A 821 13.17 12.33 -12.98
C GLU A 821 14.56 11.74 -12.84
N ASN A 822 14.71 10.71 -12.01
CA ASN A 822 16.00 10.06 -11.86
C ASN A 822 16.47 9.44 -13.17
N ILE A 823 15.54 8.85 -13.92
CA ILE A 823 15.88 8.26 -15.22
C ILE A 823 16.34 9.35 -16.18
N TRP A 824 15.69 10.51 -16.13
CA TRP A 824 15.99 11.58 -17.08
C TRP A 824 17.34 12.22 -16.77
N GLN A 825 17.65 12.43 -15.49
CA GLN A 825 18.93 13.04 -15.14
C GLN A 825 20.09 12.14 -15.54
N ASN A 826 19.93 10.82 -15.38
CA ASN A 826 21.00 9.91 -15.75
C ASN A 826 21.22 9.86 -17.25
N GLN A 827 20.15 10.00 -18.04
CA GLN A 827 20.26 10.03 -19.50
C GLN A 827 20.61 11.41 -20.03
N GLY A 828 21.09 12.31 -19.18
CA GLY A 828 21.49 13.63 -19.62
C GLY A 828 20.35 14.49 -20.11
N LEU A 829 19.31 14.63 -19.27
CA LEU A 829 18.14 15.46 -19.60
C LEU A 829 17.70 16.13 -18.30
N ASP A 830 18.05 17.40 -18.14
CA ASP A 830 17.75 18.14 -16.92
C ASP A 830 16.31 18.63 -16.91
N LEU A 831 15.39 17.67 -17.09
CA LEU A 831 13.96 17.94 -16.94
C LEU A 831 13.62 18.05 -15.45
N ARG A 832 14.03 19.17 -14.88
CA ARG A 832 13.89 19.37 -13.44
C ARG A 832 12.42 19.25 -13.03
N MET A 833 12.16 18.37 -12.07
CA MET A 833 10.85 18.20 -11.47
C MET A 833 10.95 18.49 -9.97
N LEU A 834 9.85 18.94 -9.39
CA LEU A 834 9.85 19.22 -7.96
C LEU A 834 9.00 18.17 -7.24
N PRO A 835 9.56 16.99 -6.94
CA PRO A 835 8.81 15.94 -6.23
C PRO A 835 8.74 16.20 -4.73
N TYR A 836 7.84 17.10 -4.33
CA TYR A 836 7.66 17.40 -2.93
C TYR A 836 7.20 16.15 -2.16
N GLY A 837 7.45 16.17 -0.86
CA GLY A 837 7.13 15.01 -0.04
C GLY A 837 5.63 14.82 0.13
N CYS A 838 5.24 13.56 0.25
CA CYS A 838 3.85 13.19 0.53
C CYS A 838 3.85 11.83 1.20
N LEU A 839 3.28 11.75 2.39
CA LEU A 839 3.34 10.53 3.20
C LEU A 839 1.97 10.23 3.79
N SER A 840 1.51 9.01 3.60
CA SER A 840 0.29 8.52 4.25
C SER A 840 0.68 7.88 5.57
N ILE A 841 0.08 8.36 6.67
CA ILE A 841 0.40 7.89 8.02
C ILE A 841 -0.75 7.10 8.64
N GLY A 842 -1.84 6.90 7.92
CA GLY A 842 -2.96 6.16 8.46
C GLY A 842 -4.10 6.15 7.48
N ASP A 843 -5.27 5.70 7.95
CA ASP A 843 -6.45 5.67 7.11
C ASP A 843 -6.85 7.11 6.77
N CYS A 844 -6.73 7.48 5.50
CA CYS A 844 -7.13 8.81 5.02
C CYS A 844 -6.55 9.92 5.90
N VAL A 845 -5.28 9.75 6.28
CA VAL A 845 -4.54 10.75 7.03
C VAL A 845 -3.12 10.78 6.49
N GLY A 846 -2.58 11.97 6.27
CA GLY A 846 -1.25 12.07 5.71
C GLY A 846 -0.72 13.49 5.75
N LEU A 847 0.57 13.60 5.43
CA LEU A 847 1.27 14.88 5.36
C LEU A 847 1.70 15.15 3.92
N ILE A 848 1.76 16.44 3.57
CA ILE A 848 2.20 16.86 2.25
C ILE A 848 3.07 18.09 2.41
N GLU A 849 4.29 18.04 1.89
CA GLU A 849 5.21 19.17 2.00
C GLU A 849 4.67 20.37 1.25
N TRP A 850 4.60 21.51 1.94
CA TRP A 850 4.08 22.75 1.34
C TRP A 850 5.19 23.44 0.58
N VAL A 851 5.06 23.50 -0.74
CA VAL A 851 6.04 24.20 -1.58
C VAL A 851 5.94 25.70 -1.30
N ARG A 852 7.08 26.32 -1.05
CA ARG A 852 7.11 27.74 -0.68
C ARG A 852 7.05 28.62 -1.93
N ASN A 853 6.35 29.74 -1.81
CA ASN A 853 6.28 30.78 -2.85
C ASN A 853 5.49 30.33 -4.07
N SER A 854 4.64 29.33 -3.94
CA SER A 854 3.88 28.81 -5.07
C SER A 854 2.45 29.34 -5.05
N HIS A 855 1.91 29.57 -6.25
CA HIS A 855 0.53 30.02 -6.43
C HIS A 855 -0.09 29.29 -7.60
N THR A 856 -1.40 29.05 -7.50
CA THR A 856 -2.10 28.36 -8.58
C THR A 856 -2.20 29.27 -9.80
N ILE A 857 -2.36 28.63 -10.97
CA ILE A 857 -2.45 29.38 -12.22
C ILE A 857 -3.65 30.32 -12.19
N MET A 858 -4.75 29.88 -11.58
CA MET A 858 -5.90 30.77 -11.42
C MET A 858 -5.57 31.94 -10.50
N GLN A 859 -4.82 31.68 -9.43
CA GLN A 859 -4.40 32.75 -8.55
C GLN A 859 -3.45 33.73 -9.25
N ILE A 860 -2.64 33.23 -10.18
CA ILE A 860 -1.78 34.11 -10.96
C ILE A 860 -2.62 35.00 -11.87
N GLN A 861 -3.66 34.42 -12.49
CA GLN A 861 -4.56 35.19 -13.34
C GLN A 861 -5.44 36.15 -12.55
N CYS A 862 -5.43 36.08 -11.22
CA CYS A 862 -6.19 37.00 -10.39
C CYS A 862 -5.27 37.95 -9.64
N ASN A 873 -6.66 37.38 -19.94
CA ASN A 873 -5.47 37.73 -20.71
C ASN A 873 -4.50 36.55 -20.78
N SER A 874 -3.83 36.40 -21.92
CA SER A 874 -2.93 35.27 -22.14
C SER A 874 -1.52 35.53 -21.62
N HIS A 875 -1.06 36.77 -21.66
CA HIS A 875 0.27 37.12 -21.17
C HIS A 875 0.29 37.38 -19.66
N THR A 876 -0.83 37.20 -18.97
CA THR A 876 -0.86 37.38 -17.53
C THR A 876 0.16 36.48 -16.84
N LEU A 877 0.16 35.20 -17.20
CA LEU A 877 1.13 34.27 -16.60
C LEU A 877 2.55 34.64 -16.97
N HIS A 878 2.77 35.10 -18.21
CA HIS A 878 4.11 35.46 -18.62
C HIS A 878 4.57 36.75 -17.96
N GLN A 879 3.64 37.69 -17.75
CA GLN A 879 4.00 38.94 -17.07
C GLN A 879 4.27 38.70 -15.59
N TRP A 880 3.60 37.72 -14.98
CA TRP A 880 3.87 37.41 -13.58
C TRP A 880 5.28 36.86 -13.39
N LEU A 881 5.74 36.03 -14.32
CA LEU A 881 7.13 35.57 -14.27
C LEU A 881 8.10 36.66 -14.69
N LYS A 882 7.63 37.67 -15.41
CA LYS A 882 8.49 38.81 -15.73
C LYS A 882 8.62 39.76 -14.54
N ASP A 883 7.50 40.06 -13.88
CA ASP A 883 7.54 40.94 -12.72
C ASP A 883 8.30 40.30 -11.56
N LYS A 884 8.19 38.98 -11.40
CA LYS A 884 8.85 38.30 -10.30
C LYS A 884 10.36 38.23 -10.52
N ASN A 885 10.79 37.58 -11.60
CA ASN A 885 12.20 37.48 -11.95
C ASN A 885 12.49 38.46 -13.08
N LYS A 886 13.27 39.49 -12.80
CA LYS A 886 13.56 40.55 -13.75
C LYS A 886 15.04 40.53 -14.13
N GLY A 887 15.32 40.94 -15.36
CA GLY A 887 16.69 41.06 -15.82
C GLY A 887 17.31 39.70 -16.10
N GLU A 888 18.51 39.48 -15.58
CA GLU A 888 19.20 38.22 -15.80
C GLU A 888 18.46 37.03 -15.18
N ILE A 889 17.56 37.28 -14.23
CA ILE A 889 16.77 36.20 -13.66
C ILE A 889 15.69 35.70 -14.60
N TYR A 890 15.32 36.49 -15.60
CA TYR A 890 14.27 36.09 -16.54
C TYR A 890 14.63 34.79 -17.23
N ASP A 891 15.83 34.71 -17.81
CA ASP A 891 16.22 33.52 -18.54
C ASP A 891 16.22 32.28 -17.65
N ALA A 892 16.57 32.44 -16.37
CA ALA A 892 16.60 31.30 -15.48
C ALA A 892 15.20 30.76 -15.19
N ALA A 893 14.23 31.65 -15.01
CA ALA A 893 12.87 31.22 -14.70
C ALA A 893 12.21 30.56 -15.90
N ILE A 894 12.36 31.15 -17.09
CA ILE A 894 11.75 30.56 -18.29
C ILE A 894 12.28 29.15 -18.52
N ASP A 895 13.58 28.95 -18.28
CA ASP A 895 14.16 27.62 -18.45
C ASP A 895 13.53 26.63 -17.47
N LEU A 896 13.31 27.05 -16.23
CA LEU A 896 12.74 26.16 -15.24
C LEU A 896 11.28 25.83 -15.56
N PHE A 897 10.51 26.84 -16.00
CA PHE A 897 9.13 26.59 -16.38
C PHE A 897 9.04 25.63 -17.56
N THR A 898 9.92 25.81 -18.55
CA THR A 898 9.89 24.97 -19.74
C THR A 898 10.29 23.53 -19.40
N ARG A 899 11.41 23.36 -18.68
CA ARG A 899 11.85 22.03 -18.30
C ARG A 899 10.89 21.35 -17.33
N SER A 900 10.07 22.14 -16.62
CA SER A 900 9.06 21.54 -15.74
C SER A 900 7.88 21.01 -16.53
N CYS A 901 7.47 21.71 -17.59
CA CYS A 901 6.41 21.21 -18.45
C CYS A 901 6.81 19.92 -19.13
N ALA A 902 8.05 19.84 -19.61
CA ALA A 902 8.51 18.65 -20.30
C ALA A 902 8.28 17.41 -19.45
N GLY A 903 8.74 17.44 -18.20
CA GLY A 903 8.56 16.29 -17.33
C GLY A 903 7.09 16.02 -17.01
N TYR A 904 6.36 17.06 -16.61
CA TYR A 904 4.97 16.87 -16.26
C TYR A 904 4.13 16.47 -17.48
N CYS A 905 4.36 17.11 -18.61
CA CYS A 905 3.63 16.76 -19.82
C CYS A 905 3.81 15.28 -20.16
N VAL A 906 5.04 14.78 -20.06
CA VAL A 906 5.31 13.38 -20.38
C VAL A 906 4.80 12.46 -19.28
N ALA A 907 5.05 12.80 -18.03
CA ALA A 907 4.67 11.91 -16.93
C ALA A 907 3.16 11.76 -16.83
N THR A 908 2.42 12.85 -16.99
CA THR A 908 0.97 12.79 -16.86
C THR A 908 0.35 11.94 -17.97
N PHE A 909 0.82 12.11 -19.20
CA PHE A 909 0.29 11.32 -20.31
C PHE A 909 0.57 9.83 -20.12
N ILE A 910 1.77 9.49 -19.64
CA ILE A 910 2.13 8.10 -19.44
C ILE A 910 1.25 7.47 -18.37
N LEU A 911 1.12 8.14 -17.23
CA LEU A 911 0.40 7.58 -16.09
C LEU A 911 -1.11 7.75 -16.18
N GLY A 912 -1.58 8.67 -17.01
CA GLY A 912 -3.01 8.94 -17.09
C GLY A 912 -3.56 9.67 -15.88
N ILE A 913 -2.83 10.68 -15.39
CA ILE A 913 -3.27 11.42 -14.22
C ILE A 913 -4.57 12.14 -14.54
N GLY A 914 -5.36 12.40 -13.49
CA GLY A 914 -6.58 13.16 -13.62
C GLY A 914 -6.35 14.47 -14.35
N ASP A 915 -7.31 14.90 -15.16
CA ASP A 915 -7.14 16.08 -15.99
C ASP A 915 -6.75 17.28 -15.14
N ARG A 916 -5.92 18.15 -15.72
CA ARG A 916 -5.38 19.31 -15.04
C ARG A 916 -6.18 20.57 -15.39
N HIS A 917 -6.10 21.55 -14.50
CA HIS A 917 -6.75 22.84 -14.69
C HIS A 917 -5.95 23.90 -13.94
N ASN A 918 -6.46 25.13 -13.96
CA ASN A 918 -5.76 26.25 -13.34
C ASN A 918 -5.66 26.12 -11.82
N SER A 919 -6.41 25.21 -11.21
CA SER A 919 -6.31 24.95 -9.78
C SER A 919 -5.44 23.75 -9.45
N ASN A 920 -5.40 22.76 -10.34
CA ASN A 920 -4.51 21.61 -10.16
C ASN A 920 -3.05 21.97 -10.38
N ILE A 921 -2.78 23.05 -11.10
CA ILE A 921 -1.43 23.44 -11.49
C ILE A 921 -1.03 24.72 -10.77
N MET A 922 0.20 24.77 -10.30
CA MET A 922 0.72 25.93 -9.59
C MET A 922 2.11 26.25 -10.11
N VAL A 923 2.55 27.49 -9.84
CA VAL A 923 3.86 27.97 -10.26
C VAL A 923 4.53 28.64 -9.06
N LYS A 924 5.85 28.49 -8.97
CA LYS A 924 6.63 29.20 -7.97
C LYS A 924 7.12 30.52 -8.55
N ASP A 925 7.71 31.34 -7.68
CA ASP A 925 8.27 32.61 -8.13
C ASP A 925 9.45 32.40 -9.08
N ASP A 926 10.13 31.27 -8.95
CA ASP A 926 11.29 30.97 -9.78
C ASP A 926 10.92 30.31 -11.11
N GLY A 927 9.64 29.99 -11.31
CA GLY A 927 9.19 29.36 -12.52
C GLY A 927 8.92 27.87 -12.40
N GLN A 928 9.26 27.26 -11.27
CA GLN A 928 9.04 25.83 -11.08
C GLN A 928 7.55 25.52 -11.10
N LEU A 929 7.15 24.60 -11.97
CA LEU A 929 5.76 24.17 -12.07
C LEU A 929 5.49 23.05 -11.08
N VAL A 930 4.36 23.14 -10.38
CA VAL A 930 3.99 22.17 -9.36
C VAL A 930 2.54 21.76 -9.60
N HIS A 931 2.33 20.49 -9.93
CA HIS A 931 0.99 19.91 -9.99
C HIS A 931 0.61 19.37 -8.62
N ILE A 932 -0.67 19.53 -8.28
CA ILE A 932 -1.17 19.10 -6.98
C ILE A 932 -2.40 18.22 -7.19
N ASP A 933 -2.64 17.33 -6.22
CA ASP A 933 -3.81 16.45 -6.22
C ASP A 933 -3.94 15.71 -7.57
N PHE A 934 -2.98 14.81 -7.79
CA PHE A 934 -3.01 14.00 -9.01
C PHE A 934 -4.27 13.14 -9.06
N GLY A 935 -4.71 12.63 -7.92
CA GLY A 935 -5.98 11.90 -7.88
C GLY A 935 -5.87 10.56 -8.60
N HIS A 936 -6.79 10.33 -9.52
CA HIS A 936 -6.84 9.06 -10.25
C HIS A 936 -5.70 8.97 -11.26
N PHE A 937 -5.31 7.74 -11.59
CA PHE A 937 -4.35 7.50 -12.65
C PHE A 937 -4.71 6.19 -13.35
N LEU A 938 -4.11 6.00 -14.53
CA LEU A 938 -4.49 4.91 -15.42
C LEU A 938 -5.88 5.17 -15.98
N ASP A 939 -6.45 4.21 -16.70
CA ASP A 939 -7.75 4.43 -17.35
C ASP A 939 -8.87 4.33 -16.30
N HIS A 940 -8.94 5.38 -15.48
CA HIS A 940 -9.98 5.48 -14.46
C HIS A 940 -11.31 5.95 -15.04
N LYS A 941 -11.31 6.63 -16.17
CA LYS A 941 -12.54 7.07 -16.81
C LYS A 941 -13.16 6.02 -17.72
N LYS A 942 -12.39 4.99 -18.09
CA LYS A 942 -12.92 3.95 -18.97
C LYS A 942 -14.12 3.24 -18.33
N LYS A 943 -14.12 3.09 -17.01
CA LYS A 943 -15.24 2.44 -16.35
C LYS A 943 -16.45 3.37 -16.26
N LYS A 944 -16.23 4.65 -15.97
CA LYS A 944 -17.33 5.59 -15.90
C LYS A 944 -17.90 5.87 -17.29
N PHE A 945 -17.03 6.16 -18.25
CA PHE A 945 -17.41 6.34 -19.64
C PHE A 945 -16.56 5.41 -20.50
N GLY A 946 -17.20 4.48 -21.19
CA GLY A 946 -16.49 3.47 -21.95
C GLY A 946 -15.83 3.97 -23.21
N TYR A 947 -15.05 5.04 -23.11
CA TYR A 947 -14.34 5.60 -24.24
C TYR A 947 -12.92 5.03 -24.26
N LYS A 948 -12.63 4.18 -25.26
CA LYS A 948 -11.33 3.52 -25.37
C LYS A 948 -10.38 4.46 -26.10
N ARG A 949 -9.88 5.45 -25.36
CA ARG A 949 -8.93 6.42 -25.89
C ARG A 949 -7.94 6.80 -24.79
N GLU A 950 -6.70 7.06 -25.20
CA GLU A 950 -5.68 7.55 -24.29
C GLU A 950 -5.76 9.06 -24.19
N ARG A 951 -5.86 9.56 -22.96
CA ARG A 951 -6.09 10.98 -22.72
C ARG A 951 -4.77 11.73 -22.57
N VAL A 952 -4.80 13.00 -22.94
CA VAL A 952 -3.69 13.92 -22.68
C VAL A 952 -4.10 14.82 -21.53
N PRO A 953 -3.78 14.45 -20.28
CA PRO A 953 -4.32 15.22 -19.13
C PRO A 953 -3.80 16.64 -19.08
N PHE A 954 -2.53 16.87 -19.38
CA PHE A 954 -1.91 18.19 -19.31
C PHE A 954 -1.78 18.73 -20.73
N VAL A 955 -2.75 19.55 -21.14
CA VAL A 955 -2.72 20.22 -22.44
C VAL A 955 -2.16 21.62 -22.23
N LEU A 956 -1.01 21.89 -22.84
CA LEU A 956 -0.41 23.21 -22.72
C LEU A 956 -1.30 24.27 -23.36
N THR A 957 -1.97 25.07 -22.54
CA THR A 957 -2.80 26.14 -23.05
C THR A 957 -1.95 27.22 -23.71
N GLN A 958 -2.61 28.20 -24.31
CA GLN A 958 -1.89 29.33 -24.88
C GLN A 958 -1.06 30.05 -23.83
N ASP A 959 -1.53 30.07 -22.58
CA ASP A 959 -0.76 30.71 -21.52
C ASP A 959 0.60 30.05 -21.35
N PHE A 960 0.63 28.72 -21.33
CA PHE A 960 1.89 28.01 -21.11
C PHE A 960 2.82 28.10 -22.30
N LEU A 961 2.27 28.19 -23.52
CA LEU A 961 3.12 28.30 -24.70
C LEU A 961 3.77 29.67 -24.81
N ILE A 962 3.07 30.72 -24.37
CA ILE A 962 3.66 32.06 -24.39
C ILE A 962 4.86 32.13 -23.45
N VAL A 963 4.73 31.54 -22.26
CA VAL A 963 5.84 31.57 -21.31
C VAL A 963 7.05 30.83 -21.87
N ILE A 964 6.82 29.65 -22.47
CA ILE A 964 7.92 28.90 -23.04
C ILE A 964 8.58 29.66 -24.18
N SER A 965 7.79 30.42 -24.96
CA SER A 965 8.31 31.15 -26.11
C SER A 965 8.96 32.47 -25.73
N LYS A 966 9.02 32.79 -24.43
CA LYS A 966 9.56 34.07 -23.99
C LYS A 966 8.72 35.24 -24.50
N GLY A 967 7.42 35.03 -24.61
CA GLY A 967 6.48 36.04 -25.05
C GLY A 967 6.26 36.12 -26.55
N ALA A 968 6.94 35.28 -27.33
CA ALA A 968 6.86 35.37 -28.78
C ALA A 968 5.52 34.85 -29.29
N GLN A 969 4.86 35.64 -30.14
CA GLN A 969 3.75 35.12 -30.89
C GLN A 969 4.24 34.06 -31.88
N GLU A 970 3.30 33.30 -32.42
CA GLU A 970 3.67 32.10 -33.18
C GLU A 970 4.54 31.18 -32.33
N CYS A 971 4.04 30.90 -31.12
CA CYS A 971 4.82 30.16 -30.14
C CYS A 971 5.20 28.77 -30.66
N THR A 972 4.30 28.13 -31.40
CA THR A 972 4.57 26.81 -31.93
C THR A 972 5.75 26.79 -32.89
N LYS A 973 6.09 27.92 -33.49
CA LYS A 973 7.16 27.99 -34.47
C LYS A 973 8.46 28.57 -33.92
N THR A 974 8.58 28.68 -32.61
CA THR A 974 9.75 29.31 -32.01
C THR A 974 10.85 28.28 -31.72
N ARG A 975 12.08 28.78 -31.64
CA ARG A 975 13.20 27.90 -31.30
C ARG A 975 13.06 27.34 -29.90
N GLU A 976 12.49 28.11 -28.98
CA GLU A 976 12.27 27.60 -27.62
C GLU A 976 11.29 26.45 -27.63
N PHE A 977 10.24 26.55 -28.45
CA PHE A 977 9.26 25.46 -28.53
C PHE A 977 9.86 24.22 -29.18
N GLU A 978 10.82 24.39 -30.09
CA GLU A 978 11.47 23.23 -30.69
C GLU A 978 12.32 22.50 -29.66
N ARG A 979 13.05 23.23 -28.82
CA ARG A 979 13.80 22.57 -27.75
C ARG A 979 12.85 21.96 -26.73
N PHE A 980 11.70 22.58 -26.49
CA PHE A 980 10.72 21.99 -25.57
C PHE A 980 10.22 20.66 -26.08
N GLN A 981 9.92 20.57 -27.38
CA GLN A 981 9.49 19.30 -27.95
C GLN A 981 10.60 18.26 -27.86
N GLU A 982 11.85 18.67 -28.09
CA GLU A 982 12.97 17.74 -28.00
C GLU A 982 13.07 17.14 -26.61
N MET A 983 12.78 17.92 -25.58
CA MET A 983 12.76 17.38 -24.22
C MET A 983 11.66 16.35 -24.06
N CYS A 984 10.44 16.70 -24.47
CA CYS A 984 9.32 15.76 -24.36
C CYS A 984 9.60 14.48 -25.13
N TYR A 985 10.16 14.59 -26.33
CA TYR A 985 10.45 13.41 -27.13
C TYR A 985 11.52 12.54 -26.47
N LYS A 986 12.59 13.16 -25.99
CA LYS A 986 13.66 12.39 -25.35
C LYS A 986 13.19 11.81 -24.02
N ALA A 987 12.39 12.55 -23.27
CA ALA A 987 11.89 12.04 -21.99
C ALA A 987 10.91 10.90 -22.20
N TYR A 988 10.06 11.00 -23.22
CA TYR A 988 9.09 9.94 -23.49
C TYR A 988 9.80 8.65 -23.86
N LEU A 989 10.79 8.74 -24.76
CA LEU A 989 11.56 7.54 -25.12
C LEU A 989 12.38 7.05 -23.94
N ALA A 990 12.91 7.97 -23.12
CA ALA A 990 13.70 7.56 -21.97
C ALA A 990 12.89 6.70 -21.02
N ILE A 991 11.67 7.12 -20.70
CA ILE A 991 10.81 6.30 -19.85
C ILE A 991 10.39 5.03 -20.57
N ARG A 992 10.17 5.11 -21.89
CA ARG A 992 9.82 3.92 -22.65
C ARG A 992 10.94 2.88 -22.60
N GLN A 993 12.20 3.34 -22.60
CA GLN A 993 13.32 2.42 -22.55
C GLN A 993 13.44 1.74 -21.18
N HIS A 994 12.87 2.32 -20.13
CA HIS A 994 12.86 1.74 -18.80
C HIS A 994 11.46 1.24 -18.41
N ALA A 995 10.68 0.79 -19.40
CA ALA A 995 9.29 0.45 -19.14
C ALA A 995 9.15 -0.79 -18.26
N ASN A 996 10.15 -1.68 -18.28
CA ASN A 996 10.10 -2.86 -17.42
C ASN A 996 10.01 -2.46 -15.95
N LEU A 997 10.83 -1.48 -15.54
CA LEU A 997 10.82 -1.05 -14.14
C LEU A 997 9.46 -0.55 -13.72
N PHE A 998 8.80 0.27 -14.56
CA PHE A 998 7.54 0.88 -14.17
C PHE A 998 6.40 -0.12 -14.19
N ILE A 999 6.39 -1.05 -15.15
CA ILE A 999 5.37 -2.09 -15.14
C ILE A 999 5.49 -2.95 -13.89
N ASN A 1000 6.72 -3.26 -13.49
CA ASN A 1000 6.92 -4.06 -12.29
C ASN A 1000 6.56 -3.30 -11.02
N LEU A 1001 6.81 -1.99 -11.00
CA LEU A 1001 6.45 -1.20 -9.82
C LEU A 1001 4.95 -1.22 -9.58
N PHE A 1002 4.16 -0.99 -10.63
CA PHE A 1002 2.71 -1.08 -10.50
C PHE A 1002 2.27 -2.50 -10.18
N SER A 1003 2.93 -3.49 -10.78
CA SER A 1003 2.57 -4.89 -10.52
C SER A 1003 2.75 -5.24 -9.04
N MET A 1004 3.71 -4.63 -8.38
CA MET A 1004 3.93 -4.86 -6.96
C MET A 1004 2.94 -4.12 -6.07
N MET A 1005 2.02 -3.34 -6.67
CA MET A 1005 0.99 -2.62 -5.94
C MET A 1005 -0.39 -3.21 -6.15
N LEU A 1006 -0.49 -4.34 -6.85
CA LEU A 1006 -1.80 -4.91 -7.18
C LEU A 1006 -2.56 -5.36 -5.94
N GLY A 1007 -1.88 -5.64 -4.84
CA GLY A 1007 -2.55 -6.04 -3.62
C GLY A 1007 -2.58 -4.93 -2.57
N SER A 1008 -2.32 -3.70 -3.01
CA SER A 1008 -2.24 -2.59 -2.08
C SER A 1008 -3.62 -2.17 -1.57
N GLY A 1009 -4.64 -2.27 -2.42
CA GLY A 1009 -5.98 -1.85 -2.06
C GLY A 1009 -6.48 -0.62 -2.77
N MET A 1010 -5.75 -0.13 -3.79
CA MET A 1010 -6.20 1.03 -4.55
C MET A 1010 -7.13 0.59 -5.66
N PRO A 1011 -8.41 0.98 -5.64
CA PRO A 1011 -9.35 0.45 -6.63
C PRO A 1011 -8.97 0.74 -8.06
N GLU A 1012 -8.11 1.72 -8.31
CA GLU A 1012 -7.63 2.01 -9.66
C GLU A 1012 -6.52 1.08 -10.10
N LEU A 1013 -6.06 0.17 -9.22
CA LEU A 1013 -4.92 -0.70 -9.49
C LEU A 1013 -5.20 -2.06 -8.84
N GLN A 1014 -6.05 -2.86 -9.49
CA GLN A 1014 -6.47 -4.14 -8.94
C GLN A 1014 -6.02 -5.36 -9.73
N SER A 1015 -5.93 -5.26 -11.05
CA SER A 1015 -5.55 -6.39 -11.88
C SER A 1015 -4.50 -5.97 -12.91
N PHE A 1016 -3.80 -6.96 -13.45
CA PHE A 1016 -2.83 -6.69 -14.50
C PHE A 1016 -3.43 -6.00 -15.70
N ASP A 1017 -4.76 -6.08 -15.87
CA ASP A 1017 -5.41 -5.36 -16.97
C ASP A 1017 -5.50 -3.87 -16.70
N ASP A 1018 -5.41 -3.44 -15.44
CA ASP A 1018 -5.34 -2.01 -15.16
C ASP A 1018 -3.99 -1.43 -15.54
N ILE A 1019 -2.91 -2.22 -15.41
CA ILE A 1019 -1.59 -1.77 -15.81
C ILE A 1019 -1.43 -1.71 -17.32
N ALA A 1020 -2.35 -2.31 -18.07
CA ALA A 1020 -2.28 -2.27 -19.52
C ALA A 1020 -2.33 -0.85 -20.07
N TYR A 1021 -2.77 0.11 -19.25
CA TYR A 1021 -2.89 1.48 -19.74
C TYR A 1021 -1.52 2.08 -20.06
N ILE A 1022 -0.51 1.82 -19.24
CA ILE A 1022 0.82 2.33 -19.53
C ILE A 1022 1.50 1.56 -20.65
N ARG A 1023 1.03 0.35 -20.95
CA ARG A 1023 1.55 -0.37 -22.11
C ARG A 1023 1.08 0.27 -23.40
N LYS A 1024 -0.06 0.98 -23.36
CA LYS A 1024 -0.56 1.71 -24.51
C LYS A 1024 0.04 3.12 -24.60
N THR A 1025 0.15 3.82 -23.47
CA THR A 1025 0.74 5.16 -23.50
C THR A 1025 2.22 5.12 -23.86
N LEU A 1026 2.92 4.06 -23.45
CA LEU A 1026 4.31 3.87 -23.85
C LEU A 1026 4.46 3.14 -25.17
N ALA A 1027 3.35 2.72 -25.79
CA ALA A 1027 3.36 2.07 -27.10
C ALA A 1027 4.38 0.94 -27.13
N LEU A 1028 4.26 0.01 -26.17
CA LEU A 1028 5.22 -1.08 -26.07
C LEU A 1028 5.04 -2.12 -27.17
N ASP A 1029 3.85 -2.23 -27.75
CA ASP A 1029 3.62 -3.18 -28.84
C ASP A 1029 4.02 -2.63 -30.19
N LYS A 1030 4.67 -1.47 -30.24
CA LYS A 1030 5.10 -0.86 -31.49
C LYS A 1030 6.61 -0.65 -31.44
N THR A 1031 7.18 -0.29 -32.59
CA THR A 1031 8.60 0.03 -32.67
C THR A 1031 8.86 1.38 -32.02
N GLU A 1032 10.13 1.64 -31.74
CA GLU A 1032 10.50 2.89 -31.06
C GLU A 1032 10.13 4.10 -31.91
N GLN A 1033 10.28 3.99 -33.24
CA GLN A 1033 9.87 5.08 -34.10
C GLN A 1033 8.37 5.24 -34.14
N GLU A 1034 7.63 4.12 -34.11
CA GLU A 1034 6.17 4.20 -34.07
C GLU A 1034 5.68 4.82 -32.77
N ALA A 1035 6.38 4.55 -31.66
CA ALA A 1035 5.99 5.13 -30.39
C ALA A 1035 6.15 6.64 -30.40
N LEU A 1036 7.27 7.13 -30.95
CA LEU A 1036 7.46 8.57 -31.06
C LEU A 1036 6.40 9.20 -31.95
N GLU A 1037 6.00 8.50 -33.02
CA GLU A 1037 4.94 9.00 -33.87
C GLU A 1037 3.59 8.95 -33.16
N TYR A 1038 3.38 7.95 -32.32
CA TYR A 1038 2.15 7.88 -31.54
C TYR A 1038 2.09 9.01 -30.53
N PHE A 1039 3.18 9.26 -29.80
CA PHE A 1039 3.20 10.37 -28.85
C PHE A 1039 3.02 11.69 -29.56
N MET A 1040 3.66 11.88 -30.71
CA MET A 1040 3.49 13.13 -31.46
C MET A 1040 2.06 13.29 -31.95
N LYS A 1041 1.38 12.19 -32.28
CA LYS A 1041 -0.01 12.28 -32.70
C LYS A 1041 -0.91 12.66 -31.54
N GLN A 1042 -0.70 12.05 -30.37
CA GLN A 1042 -1.51 12.40 -29.20
C GLN A 1042 -1.33 13.87 -28.83
N MET A 1043 -0.09 14.37 -28.90
CA MET A 1043 0.14 15.77 -28.57
C MET A 1043 -0.50 16.70 -29.61
N ASN A 1044 -0.40 16.34 -30.89
CA ASN A 1044 -1.02 17.17 -31.92
C ASN A 1044 -2.54 17.16 -31.81
N ASP A 1045 -3.13 15.98 -31.59
CA ASP A 1045 -4.58 15.88 -31.49
C ASP A 1045 -5.13 16.58 -30.25
N ALA A 1046 -4.31 16.81 -29.24
CA ALA A 1046 -4.73 17.52 -28.04
C ALA A 1046 -4.44 19.01 -28.08
N HIS A 1047 -3.33 19.41 -28.70
CA HIS A 1047 -2.98 20.81 -28.85
C HIS A 1047 -3.46 21.39 -30.18
N HIS A 1048 -4.14 20.60 -31.00
CA HIS A 1048 -4.67 21.05 -32.29
C HIS A 1048 -3.54 21.55 -33.20
N GLY A 1049 -2.59 20.66 -33.46
CA GLY A 1049 -1.48 20.96 -34.34
C GLY A 1049 -0.36 21.71 -33.65
N GLY A 1050 0.79 21.73 -34.32
CA GLY A 1050 1.96 22.44 -33.85
C GLY A 1050 3.16 21.58 -33.54
N TRP A 1051 2.98 20.26 -33.40
CA TRP A 1051 4.07 19.35 -33.07
C TRP A 1051 4.60 18.73 -34.36
N THR A 1052 5.89 18.97 -34.63
CA THR A 1052 6.51 18.51 -35.86
C THR A 1052 7.91 17.99 -35.55
N THR A 1053 8.42 17.17 -36.46
CA THR A 1053 9.76 16.61 -36.33
C THR A 1053 10.62 16.95 -37.54
N MET B 26 -14.78 -20.14 -46.16
CA MET B 26 -15.41 -18.82 -46.29
C MET B 26 -14.47 -17.71 -45.83
N SER B 27 -14.90 -16.47 -46.01
CA SER B 27 -14.11 -15.34 -45.55
C SER B 27 -13.91 -15.40 -44.04
N LEU B 28 -12.85 -14.76 -43.57
CA LEU B 28 -12.59 -14.69 -42.14
C LEU B 28 -13.45 -13.62 -41.47
N GLN B 29 -13.87 -12.60 -42.23
CA GLN B 29 -14.69 -11.54 -41.66
C GLN B 29 -16.08 -12.04 -41.29
N ASP B 30 -16.67 -12.90 -42.13
CA ASP B 30 -17.99 -13.43 -41.85
C ASP B 30 -17.96 -14.53 -40.79
N ALA B 31 -16.80 -15.14 -40.55
CA ALA B 31 -16.69 -16.14 -39.52
C ALA B 31 -16.99 -15.53 -38.16
N GLU B 32 -17.74 -16.26 -37.33
CA GLU B 32 -18.18 -15.72 -36.05
C GLU B 32 -17.02 -15.59 -35.07
N TRP B 33 -16.17 -16.61 -34.99
CA TRP B 33 -15.09 -16.61 -34.00
C TRP B 33 -13.95 -15.67 -34.35
N TYR B 34 -14.03 -14.94 -35.45
CA TYR B 34 -13.02 -13.94 -35.79
C TYR B 34 -13.52 -12.56 -35.36
N TRP B 35 -12.71 -11.85 -34.58
CA TRP B 35 -13.13 -10.60 -33.97
C TRP B 35 -12.29 -9.40 -34.41
N GLY B 36 -11.32 -9.58 -35.28
CA GLY B 36 -10.56 -8.47 -35.79
C GLY B 36 -9.66 -7.80 -34.77
N ASP B 37 -9.94 -6.54 -34.47
CA ASP B 37 -9.07 -5.71 -33.64
C ASP B 37 -9.68 -5.56 -32.24
N ILE B 38 -9.61 -6.63 -31.46
CA ILE B 38 -9.91 -6.57 -30.04
C ILE B 38 -8.63 -6.84 -29.27
N SER B 39 -8.56 -6.34 -28.05
CA SER B 39 -7.36 -6.47 -27.24
C SER B 39 -7.37 -7.78 -26.46
N ARG B 40 -6.22 -8.12 -25.89
CA ARG B 40 -6.13 -9.29 -25.02
C ARG B 40 -7.10 -9.19 -23.85
N GLU B 41 -7.36 -7.96 -23.37
CA GLU B 41 -8.23 -7.79 -22.22
C GLU B 41 -9.68 -8.10 -22.59
N GLU B 42 -10.12 -7.69 -23.78
CA GLU B 42 -11.47 -8.03 -24.22
C GLU B 42 -11.62 -9.55 -24.36
N VAL B 43 -10.58 -10.22 -24.83
CA VAL B 43 -10.61 -11.68 -24.91
C VAL B 43 -10.70 -12.29 -23.52
N ASN B 44 -9.93 -11.75 -22.56
CA ASN B 44 -9.97 -12.26 -21.21
C ASN B 44 -11.38 -12.19 -20.63
N GLU B 45 -12.08 -11.09 -20.86
CA GLU B 45 -13.45 -10.97 -20.34
C GLU B 45 -14.40 -11.92 -21.07
N LYS B 46 -14.22 -12.06 -22.39
CA LYS B 46 -15.04 -13.00 -23.15
C LYS B 46 -14.74 -14.45 -22.78
N LEU B 47 -13.56 -14.73 -22.26
CA LEU B 47 -13.17 -16.08 -21.85
C LEU B 47 -13.12 -16.24 -20.33
N ARG B 48 -13.64 -15.28 -19.58
CA ARG B 48 -13.56 -15.35 -18.13
C ARG B 48 -14.51 -16.42 -17.61
N ASP B 49 -13.97 -17.41 -16.90
CA ASP B 49 -14.73 -18.50 -16.29
C ASP B 49 -15.38 -19.41 -17.32
N THR B 50 -14.86 -19.44 -18.54
CA THR B 50 -15.42 -20.32 -19.56
C THR B 50 -14.84 -21.73 -19.42
N ALA B 51 -15.56 -22.70 -19.99
CA ALA B 51 -15.13 -24.10 -19.93
C ALA B 51 -13.99 -24.35 -20.90
N ASP B 52 -13.16 -25.33 -20.56
CA ASP B 52 -12.07 -25.71 -21.45
C ASP B 52 -12.59 -26.03 -22.84
N GLY B 53 -11.89 -25.51 -23.85
CA GLY B 53 -12.30 -25.64 -25.24
C GLY B 53 -12.87 -24.38 -25.84
N THR B 54 -13.23 -23.40 -25.02
CA THR B 54 -13.72 -22.13 -25.54
C THR B 54 -12.58 -21.36 -26.21
N PHE B 55 -12.86 -20.79 -27.37
CA PHE B 55 -11.80 -20.18 -28.17
C PHE B 55 -12.36 -19.04 -29.00
N LEU B 56 -11.44 -18.25 -29.54
CA LEU B 56 -11.75 -17.19 -30.49
C LEU B 56 -10.46 -16.76 -31.15
N VAL B 57 -10.59 -16.15 -32.33
CA VAL B 57 -9.44 -15.71 -33.12
C VAL B 57 -9.51 -14.20 -33.30
N ARG B 58 -8.37 -13.54 -33.16
CA ARG B 58 -8.28 -12.10 -33.33
C ARG B 58 -6.97 -11.76 -34.04
N ASP B 59 -6.82 -10.49 -34.39
CA ASP B 59 -5.60 -10.01 -35.00
C ASP B 59 -4.51 -9.88 -33.95
N ALA B 60 -3.27 -9.74 -34.41
CA ALA B 60 -2.13 -9.64 -33.52
C ALA B 60 -2.07 -8.27 -32.85
N SER B 61 -1.60 -8.26 -31.60
CA SER B 61 -1.40 -6.98 -30.91
C SER B 61 -0.37 -6.13 -31.62
N THR B 62 0.68 -6.75 -32.14
CA THR B 62 1.65 -6.03 -32.96
C THR B 62 0.97 -5.31 -34.11
N LYS B 63 -0.05 -5.92 -34.69
CA LYS B 63 -0.84 -5.32 -35.75
C LYS B 63 0.04 -4.78 -36.86
N GLY B 66 2.30 -12.74 -37.69
CA GLY B 66 1.32 -13.56 -38.37
C GLY B 66 -0.02 -12.87 -38.54
N ASP B 67 -0.23 -11.82 -37.75
CA ASP B 67 -1.45 -11.01 -37.79
C ASP B 67 -2.68 -11.77 -37.33
N TYR B 68 -2.50 -12.90 -36.67
CA TYR B 68 -3.63 -13.68 -36.17
C TYR B 68 -3.20 -14.43 -34.91
N THR B 69 -4.02 -14.34 -33.86
CA THR B 69 -3.76 -15.00 -32.60
C THR B 69 -4.98 -15.81 -32.20
N LEU B 70 -4.77 -17.09 -31.90
CA LEU B 70 -5.82 -17.97 -31.40
C LEU B 70 -5.73 -18.02 -29.88
N THR B 71 -6.85 -17.80 -29.21
CA THR B 71 -6.94 -17.85 -27.77
C THR B 71 -7.82 -19.03 -27.37
N LEU B 72 -7.28 -19.93 -26.55
CA LEU B 72 -7.95 -21.15 -26.16
C LEU B 72 -8.05 -21.23 -24.64
N ARG B 73 -9.21 -21.67 -24.16
CA ARG B 73 -9.44 -21.87 -22.74
C ARG B 73 -9.00 -23.28 -22.35
N LYS B 74 -8.10 -23.39 -21.37
CA LYS B 74 -7.60 -24.68 -20.95
C LYS B 74 -7.09 -24.58 -19.52
N GLY B 75 -7.66 -25.39 -18.62
CA GLY B 75 -7.22 -25.42 -17.24
C GLY B 75 -7.41 -24.12 -16.50
N GLY B 76 -8.48 -23.38 -16.82
CA GLY B 76 -8.69 -22.10 -16.17
C GLY B 76 -7.72 -21.02 -16.62
N ASN B 77 -7.06 -21.21 -17.75
CA ASN B 77 -6.14 -20.22 -18.30
C ASN B 77 -6.53 -19.91 -19.74
N ASN B 78 -5.94 -18.84 -20.27
CA ASN B 78 -6.14 -18.44 -21.66
C ASN B 78 -4.81 -18.61 -22.39
N LYS B 79 -4.73 -19.65 -23.21
CA LYS B 79 -3.52 -19.95 -23.95
C LYS B 79 -3.52 -19.21 -25.29
N LEU B 80 -2.44 -18.49 -25.57
CA LEU B 80 -2.29 -17.79 -26.83
C LEU B 80 -1.53 -18.67 -27.82
N ILE B 81 -2.10 -18.85 -29.01
CA ILE B 81 -1.52 -19.68 -30.06
C ILE B 81 -1.42 -18.81 -31.31
N LYS B 82 -0.19 -18.48 -31.71
CA LYS B 82 0.02 -17.60 -32.85
C LYS B 82 -0.20 -18.36 -34.16
N ILE B 83 -0.82 -17.68 -35.12
CA ILE B 83 -1.07 -18.23 -36.44
C ILE B 83 -0.15 -17.49 -37.41
N PHE B 84 0.94 -18.14 -37.81
CA PHE B 84 1.89 -17.54 -38.72
C PHE B 84 1.36 -17.55 -40.15
N HIS B 85 1.79 -16.58 -40.94
CA HIS B 85 1.40 -16.47 -42.34
C HIS B 85 2.63 -16.29 -43.20
N ARG B 86 2.91 -17.26 -44.07
CA ARG B 86 3.95 -17.16 -45.08
C ARG B 86 3.37 -17.58 -46.42
N ASP B 87 3.42 -16.67 -47.40
CA ASP B 87 3.01 -16.94 -48.77
C ASP B 87 1.66 -17.68 -48.80
N GLY B 88 0.65 -16.99 -48.27
CA GLY B 88 -0.70 -17.54 -48.26
C GLY B 88 -0.81 -18.93 -47.65
N LYS B 89 0.12 -19.29 -46.78
CA LYS B 89 0.07 -20.56 -46.05
C LYS B 89 -0.02 -20.28 -44.56
N TYR B 90 -0.82 -21.06 -43.85
CA TYR B 90 -1.09 -20.84 -42.44
C TYR B 90 -0.77 -22.10 -41.64
N GLY B 91 -0.49 -21.89 -40.35
CA GLY B 91 -0.19 -22.98 -39.46
C GLY B 91 0.36 -22.51 -38.12
N PHE B 92 0.25 -23.35 -37.09
CA PHE B 92 0.79 -22.99 -35.78
C PHE B 92 2.31 -23.10 -35.77
N SER B 93 2.87 -23.96 -36.62
CA SER B 93 4.31 -24.10 -36.75
C SER B 93 4.62 -24.52 -38.18
N ASP B 94 5.84 -24.23 -38.61
CA ASP B 94 6.19 -24.70 -39.94
C ASP B 94 6.57 -26.19 -39.89
N PRO B 95 6.20 -26.96 -40.92
CA PRO B 95 5.58 -26.55 -42.18
C PRO B 95 4.16 -26.01 -42.02
N LEU B 96 3.88 -24.84 -42.58
CA LEU B 96 2.52 -24.29 -42.59
C LEU B 96 1.69 -25.06 -43.60
N THR B 97 0.93 -26.04 -43.11
CA THR B 97 0.19 -26.93 -44.00
C THR B 97 -1.06 -26.28 -44.58
N PHE B 98 -1.79 -25.53 -43.76
CA PHE B 98 -3.11 -25.04 -44.15
C PHE B 98 -3.01 -23.78 -44.99
N SER B 99 -4.01 -23.59 -45.86
CA SER B 99 -4.06 -22.45 -46.76
C SER B 99 -4.99 -21.34 -46.30
N SER B 100 -5.84 -21.60 -45.31
CA SER B 100 -6.75 -20.58 -44.82
C SER B 100 -6.95 -20.77 -43.31
N VAL B 101 -7.14 -19.65 -42.62
CA VAL B 101 -7.39 -19.71 -41.19
C VAL B 101 -8.67 -20.47 -40.89
N VAL B 102 -9.65 -20.41 -41.80
CA VAL B 102 -10.89 -21.15 -41.61
C VAL B 102 -10.64 -22.65 -41.67
N GLU B 103 -9.83 -23.09 -42.63
CA GLU B 103 -9.49 -24.50 -42.72
C GLU B 103 -8.60 -24.94 -41.56
N LEU B 104 -7.73 -24.05 -41.08
CA LEU B 104 -6.91 -24.37 -39.91
C LEU B 104 -7.78 -24.52 -38.66
N ILE B 105 -8.78 -23.65 -38.50
CA ILE B 105 -9.63 -23.72 -37.31
C ILE B 105 -10.52 -24.96 -37.37
N ASN B 106 -11.23 -25.16 -38.48
CA ASN B 106 -12.16 -26.27 -38.57
C ASN B 106 -11.46 -27.61 -38.37
N HIS B 107 -10.21 -27.75 -38.84
CA HIS B 107 -9.50 -29.00 -38.66
C HIS B 107 -9.35 -29.34 -37.19
N TYR B 108 -8.84 -28.41 -36.40
CA TYR B 108 -8.66 -28.64 -34.97
C TYR B 108 -9.96 -28.54 -34.18
N ARG B 109 -11.04 -28.06 -34.81
CA ARG B 109 -12.36 -28.19 -34.18
C ARG B 109 -12.83 -29.64 -34.18
N ASN B 110 -12.21 -30.50 -34.97
CA ASN B 110 -12.60 -31.90 -35.08
C ASN B 110 -11.50 -32.86 -34.66
N GLU B 111 -10.30 -32.37 -34.36
CA GLU B 111 -9.20 -33.20 -33.89
C GLU B 111 -8.45 -32.46 -32.80
N SER B 112 -7.71 -33.22 -32.00
CA SER B 112 -7.09 -32.69 -30.79
C SER B 112 -5.84 -31.87 -31.10
N LEU B 113 -5.49 -30.99 -30.18
CA LEU B 113 -4.27 -30.19 -30.25
C LEU B 113 -3.05 -30.94 -29.74
N ALA B 114 -3.22 -32.16 -29.21
CA ALA B 114 -2.08 -32.91 -28.69
C ALA B 114 -1.14 -33.34 -29.81
N GLN B 115 -1.65 -33.53 -31.02
CA GLN B 115 -0.79 -33.89 -32.14
C GLN B 115 0.20 -32.79 -32.46
N TYR B 116 -0.13 -31.54 -32.13
CA TYR B 116 0.78 -30.42 -32.34
C TYR B 116 1.73 -30.26 -31.16
N ASN B 117 1.18 -30.13 -29.95
CA ASN B 117 1.98 -30.01 -28.74
C ASN B 117 1.31 -30.86 -27.66
N PRO B 118 2.06 -31.76 -27.01
CA PRO B 118 1.43 -32.67 -26.04
C PRO B 118 0.93 -31.98 -24.78
N LYS B 119 1.46 -30.81 -24.44
CA LYS B 119 0.99 -30.12 -23.24
C LYS B 119 -0.46 -29.70 -23.36
N LEU B 120 -0.89 -29.33 -24.57
CA LEU B 120 -2.28 -28.94 -24.85
C LEU B 120 -3.00 -30.15 -25.43
N ASP B 121 -3.86 -30.78 -24.63
CA ASP B 121 -4.62 -31.95 -25.04
C ASP B 121 -6.11 -31.60 -25.02
N VAL B 122 -6.53 -30.75 -25.96
CA VAL B 122 -7.91 -30.29 -26.05
C VAL B 122 -8.18 -29.93 -27.51
N LYS B 123 -9.46 -29.75 -27.83
CA LYS B 123 -9.90 -29.35 -29.16
C LYS B 123 -10.65 -28.03 -29.10
N LEU B 124 -10.80 -27.41 -30.26
CA LEU B 124 -11.55 -26.15 -30.38
C LEU B 124 -13.03 -26.50 -30.43
N LEU B 125 -13.69 -26.44 -29.27
CA LEU B 125 -15.06 -26.91 -29.12
C LEU B 125 -16.09 -25.79 -29.03
N TYR B 126 -15.88 -24.82 -28.15
CA TYR B 126 -16.88 -23.78 -27.91
C TYR B 126 -16.42 -22.46 -28.49
N PRO B 127 -17.02 -21.98 -29.59
CA PRO B 127 -16.60 -20.72 -30.19
C PRO B 127 -17.34 -19.52 -29.62
N VAL B 128 -16.59 -18.44 -29.42
CA VAL B 128 -17.15 -17.15 -29.00
C VAL B 128 -17.49 -16.37 -30.26
N SER B 129 -18.79 -16.17 -30.50
CA SER B 129 -19.26 -15.60 -31.76
C SER B 129 -19.55 -14.11 -31.60
N LYS B 130 -19.20 -13.35 -32.64
CA LYS B 130 -19.62 -11.95 -32.73
C LYS B 130 -21.10 -11.82 -33.05
N TYR B 131 -21.79 -12.93 -33.32
CA TYR B 131 -23.21 -12.87 -33.61
C TYR B 131 -24.01 -12.51 -32.35
N GLN B 132 -23.70 -13.17 -31.24
CA GLN B 132 -24.43 -12.92 -30.00
C GLN B 132 -24.18 -11.52 -29.46
N GLN B 133 -22.99 -10.96 -29.72
CA GLN B 133 -22.73 -9.59 -29.28
C GLN B 133 -23.62 -8.59 -30.00
N ASP B 134 -23.97 -8.87 -31.26
CA ASP B 134 -24.87 -8.00 -32.00
C ASP B 134 -26.32 -8.13 -31.58
N GLN B 135 -26.64 -9.08 -30.70
CA GLN B 135 -28.02 -9.30 -30.28
C GLN B 135 -28.47 -8.33 -29.19
N VAL B 136 -27.54 -7.72 -28.46
CA VAL B 136 -27.91 -6.78 -27.41
C VAL B 136 -28.57 -5.54 -28.01
N VAL B 137 -27.83 -4.81 -28.85
CA VAL B 137 -28.41 -3.69 -29.57
C VAL B 137 -29.49 -4.21 -30.51
N LYS B 138 -30.68 -3.62 -30.42
CA LYS B 138 -31.84 -4.05 -31.19
C LYS B 138 -32.40 -2.93 -32.06
N GLU B 139 -31.56 -1.99 -32.47
CA GLU B 139 -31.99 -0.86 -33.28
C GLU B 139 -31.00 -0.62 -34.40
N ASP B 140 -31.51 -0.58 -35.64
CA ASP B 140 -30.66 -0.36 -36.80
C ASP B 140 -30.31 1.11 -36.98
N ASN B 141 -31.24 2.01 -36.67
CA ASN B 141 -31.02 3.43 -36.90
C ASN B 141 -29.94 3.95 -35.96
N ILE B 142 -29.02 4.74 -36.53
CA ILE B 142 -27.96 5.33 -35.71
C ILE B 142 -28.55 6.33 -34.72
N GLU B 143 -29.62 7.03 -35.10
CA GLU B 143 -30.30 7.90 -34.15
C GLU B 143 -31.02 7.10 -33.08
N ALA B 144 -31.43 5.86 -33.40
CA ALA B 144 -32.10 5.03 -32.41
C ALA B 144 -31.11 4.47 -31.39
N VAL B 145 -29.93 4.05 -31.85
CA VAL B 145 -28.91 3.56 -30.93
C VAL B 145 -28.40 4.71 -30.06
N GLY B 146 -28.18 5.88 -30.66
CA GLY B 146 -27.71 7.02 -29.87
C GLY B 146 -28.71 7.42 -28.80
N LYS B 147 -30.00 7.47 -29.16
CA LYS B 147 -31.01 7.79 -28.16
C LYS B 147 -31.03 6.75 -27.04
N LYS B 148 -30.93 5.47 -27.40
CA LYS B 148 -30.91 4.42 -26.39
C LYS B 148 -29.64 4.47 -25.57
N LEU B 149 -28.50 4.77 -26.21
CA LEU B 149 -27.25 4.91 -25.47
C LEU B 149 -27.35 5.99 -24.41
N HIS B 150 -27.96 7.13 -24.76
CA HIS B 150 -28.11 8.21 -23.79
C HIS B 150 -28.96 7.77 -22.60
N GLU B 151 -30.00 6.98 -22.85
CA GLU B 151 -30.81 6.46 -21.76
C GLU B 151 -29.99 5.56 -20.85
N TYR B 152 -29.30 4.58 -21.43
CA TYR B 152 -28.51 3.65 -20.63
C TYR B 152 -27.41 4.36 -19.86
N ASN B 153 -26.66 5.24 -20.54
CA ASN B 153 -25.58 5.95 -19.86
C ASN B 153 -26.13 6.83 -18.75
N THR B 154 -27.34 7.37 -18.91
CA THR B 154 -27.95 8.14 -17.84
C THR B 154 -28.26 7.24 -16.65
N GLN B 155 -28.90 6.10 -16.89
CA GLN B 155 -29.19 5.16 -15.80
C GLN B 155 -27.91 4.71 -15.11
N PHE B 156 -26.85 4.49 -15.88
CA PHE B 156 -25.61 3.99 -15.29
C PHE B 156 -25.02 4.99 -14.31
N GLN B 157 -25.04 6.28 -14.65
CA GLN B 157 -24.53 7.29 -13.74
C GLN B 157 -25.41 7.42 -12.51
N GLU B 158 -26.73 7.27 -12.69
CA GLU B 158 -27.65 7.28 -11.55
C GLU B 158 -27.32 6.16 -10.58
N LYS B 159 -27.21 4.92 -11.10
CA LYS B 159 -26.93 3.79 -10.22
C LYS B 159 -25.49 3.80 -9.72
N SER B 160 -24.58 4.45 -10.45
CA SER B 160 -23.21 4.56 -9.98
C SER B 160 -23.12 5.49 -8.78
N ARG B 161 -23.76 6.66 -8.86
CA ARG B 161 -23.78 7.57 -7.72
C ARG B 161 -24.53 6.96 -6.53
N GLU B 162 -25.60 6.21 -6.81
CA GLU B 162 -26.30 5.50 -5.74
C GLU B 162 -25.38 4.49 -5.08
N TYR B 163 -24.66 3.70 -5.87
CA TYR B 163 -23.76 2.70 -5.32
C TYR B 163 -22.67 3.36 -4.47
N ASP B 164 -22.08 4.46 -4.97
CA ASP B 164 -21.01 5.10 -4.24
C ASP B 164 -21.49 5.69 -2.92
N ARG B 165 -22.73 6.15 -2.86
CA ARG B 165 -23.28 6.62 -1.59
C ARG B 165 -23.49 5.46 -0.62
N LEU B 166 -24.02 4.34 -1.11
CA LEU B 166 -24.18 3.17 -0.26
C LEU B 166 -22.83 2.67 0.25
N TYR B 167 -21.78 2.78 -0.58
CA TYR B 167 -20.47 2.33 -0.15
C TYR B 167 -19.93 3.18 1.00
N GLU B 168 -20.20 4.49 0.97
CA GLU B 168 -19.80 5.35 2.08
C GLU B 168 -20.50 4.94 3.37
N GLU B 169 -21.82 4.78 3.32
CA GLU B 169 -22.55 4.27 4.48
C GLU B 169 -22.02 2.91 4.91
N TYR B 170 -21.66 2.06 3.94
CA TYR B 170 -21.10 0.75 4.26
C TYR B 170 -19.80 0.89 5.03
N THR B 171 -18.90 1.74 4.55
CA THR B 171 -17.61 1.93 5.22
C THR B 171 -17.78 2.58 6.58
N ARG B 172 -18.61 3.63 6.66
CA ARG B 172 -18.82 4.31 7.93
C ARG B 172 -19.43 3.37 8.96
N THR B 173 -20.47 2.63 8.58
CA THR B 173 -21.09 1.71 9.53
C THR B 173 -20.11 0.63 9.97
N SER B 174 -19.33 0.09 9.04
CA SER B 174 -18.37 -0.95 9.40
C SER B 174 -17.33 -0.43 10.39
N GLN B 175 -16.88 0.81 10.21
CA GLN B 175 -15.89 1.37 11.11
C GLN B 175 -16.50 1.63 12.50
N GLU B 176 -17.67 2.25 12.54
CA GLU B 176 -18.30 2.54 13.82
C GLU B 176 -18.66 1.26 14.57
N ILE B 177 -18.98 0.19 13.85
CA ILE B 177 -19.23 -1.08 14.52
C ILE B 177 -17.95 -1.58 15.18
N GLN B 178 -16.81 -1.42 14.51
CA GLN B 178 -15.54 -1.82 15.11
C GLN B 178 -15.22 -0.95 16.33
N MET B 179 -15.48 0.36 16.24
CA MET B 179 -15.25 1.23 17.38
C MET B 179 -16.10 0.80 18.57
N LYS B 180 -17.39 0.56 18.34
CA LYS B 180 -18.28 0.16 19.43
C LYS B 180 -17.82 -1.15 20.08
N ARG B 181 -17.39 -2.12 19.27
CA ARG B 181 -16.97 -3.39 19.82
C ARG B 181 -15.73 -3.23 20.70
N THR B 182 -14.79 -2.38 20.28
CA THR B 182 -13.62 -2.12 21.12
C THR B 182 -14.03 -1.44 22.42
N ALA B 183 -14.94 -0.46 22.34
CA ALA B 183 -15.42 0.20 23.55
C ALA B 183 -16.07 -0.80 24.49
N ILE B 184 -16.85 -1.74 23.95
CA ILE B 184 -17.47 -2.76 24.79
C ILE B 184 -16.42 -3.60 25.48
N GLU B 185 -15.33 -3.91 24.78
CA GLU B 185 -14.22 -4.63 25.41
C GLU B 185 -13.63 -3.80 26.54
N ALA B 186 -13.59 -2.47 26.38
CA ALA B 186 -13.09 -1.61 27.44
C ALA B 186 -14.05 -1.57 28.61
N PHE B 187 -15.36 -1.51 28.34
CA PHE B 187 -16.34 -1.59 29.41
C PHE B 187 -16.17 -2.88 30.21
N ASN B 188 -15.95 -4.00 29.53
CA ASN B 188 -15.81 -5.28 30.23
C ASN B 188 -14.61 -5.26 31.17
N GLU B 189 -13.48 -4.71 30.72
CA GLU B 189 -12.31 -4.68 31.58
C GLU B 189 -12.49 -3.71 32.73
N THR B 190 -13.14 -2.57 32.48
CA THR B 190 -13.43 -1.62 33.55
C THR B 190 -14.29 -2.26 34.64
N ILE B 191 -15.36 -2.94 34.22
CA ILE B 191 -16.25 -3.57 35.20
C ILE B 191 -15.50 -4.63 36.01
N LYS B 192 -14.61 -5.38 35.36
CA LYS B 192 -13.82 -6.35 36.10
C LYS B 192 -12.98 -5.68 37.18
N ILE B 193 -12.42 -4.50 36.88
CA ILE B 193 -11.61 -3.80 37.86
C ILE B 193 -12.47 -3.30 39.00
N PHE B 194 -13.64 -2.72 38.69
CA PHE B 194 -14.51 -2.23 39.75
C PHE B 194 -15.08 -3.37 40.58
N GLU B 195 -15.35 -4.51 39.96
CA GLU B 195 -15.80 -5.66 40.74
C GLU B 195 -14.68 -6.22 41.61
N GLU B 196 -13.43 -6.08 41.16
CA GLU B 196 -12.30 -6.45 42.02
C GLU B 196 -12.22 -5.54 43.23
N GLN B 197 -12.64 -4.28 43.10
CA GLN B 197 -12.66 -3.38 44.26
C GLN B 197 -13.64 -3.86 45.31
N CYS B 198 -14.84 -4.27 44.89
CA CYS B 198 -15.83 -4.77 45.84
C CYS B 198 -15.27 -5.94 46.63
N GLN B 199 -14.67 -6.91 45.95
CA GLN B 199 -14.07 -8.03 46.65
C GLN B 199 -12.97 -7.57 47.59
N THR B 200 -12.16 -6.60 47.15
CA THR B 200 -11.10 -6.07 48.01
C THR B 200 -11.69 -5.40 49.25
N GLN B 201 -12.72 -4.58 49.06
CA GLN B 201 -13.35 -3.93 50.21
C GLN B 201 -14.00 -4.95 51.12
N GLU B 202 -14.60 -5.99 50.54
CA GLU B 202 -15.22 -7.03 51.36
C GLU B 202 -14.18 -7.76 52.21
N ARG B 203 -13.00 -8.03 51.63
CA ARG B 203 -11.96 -8.73 52.39
C ARG B 203 -11.45 -7.87 53.53
N TYR B 204 -11.06 -6.63 53.24
CA TYR B 204 -10.50 -5.78 54.29
C TYR B 204 -11.56 -5.42 55.33
N SER B 205 -12.79 -5.18 54.91
CA SER B 205 -13.88 -4.97 55.85
C SER B 205 -14.20 -6.31 56.53
N LYS B 206 -15.28 -6.34 57.31
CA LYS B 206 -15.63 -7.51 58.10
C LYS B 206 -14.66 -7.64 59.27
N GLU B 207 -13.37 -7.75 58.99
CA GLU B 207 -12.37 -7.73 60.05
C GLU B 207 -12.45 -6.43 60.84
N TYR B 208 -12.48 -5.30 60.13
CA TYR B 208 -12.65 -4.01 60.79
C TYR B 208 -14.09 -3.76 61.21
N ILE B 209 -15.06 -4.29 60.45
CA ILE B 209 -16.46 -4.13 60.82
C ILE B 209 -16.74 -4.82 62.15
N GLU B 210 -16.13 -5.98 62.38
CA GLU B 210 -16.31 -6.68 63.65
C GLU B 210 -15.66 -5.90 64.79
N LYS B 211 -14.48 -5.32 64.56
CA LYS B 211 -13.80 -4.58 65.61
C LYS B 211 -14.60 -3.35 66.02
N PHE B 212 -15.09 -2.59 65.05
CA PHE B 212 -15.90 -1.42 65.36
C PHE B 212 -17.19 -1.81 66.07
N LYS B 213 -17.71 -3.00 65.78
CA LYS B 213 -18.94 -3.44 66.44
C LYS B 213 -18.71 -3.66 67.94
N ARG B 214 -17.59 -4.29 68.30
CA ARG B 214 -17.24 -4.42 69.71
C ARG B 214 -16.81 -3.08 70.29
N GLU B 215 -16.12 -2.26 69.50
CA GLU B 215 -15.70 -0.94 69.93
C GLU B 215 -16.84 0.07 69.95
N GLY B 216 -18.03 -0.31 69.51
CA GLY B 216 -19.19 0.57 69.56
C GLY B 216 -19.16 1.73 68.60
N ASN B 217 -18.19 1.78 67.68
CA ASN B 217 -18.07 2.89 66.73
C ASN B 217 -18.99 2.62 65.53
N GLU B 218 -20.30 2.76 65.78
CA GLU B 218 -21.28 2.55 64.73
C GLU B 218 -21.15 3.60 63.62
N LYS B 219 -20.64 4.78 63.95
CA LYS B 219 -20.45 5.82 62.93
C LYS B 219 -19.44 5.39 61.88
N GLU B 220 -18.42 4.64 62.28
CA GLU B 220 -17.43 4.18 61.32
C GLU B 220 -17.95 3.06 60.44
N ILE B 221 -18.88 2.25 60.97
CA ILE B 221 -19.52 1.22 60.15
C ILE B 221 -20.32 1.88 59.02
N GLN B 222 -21.00 2.98 59.33
CA GLN B 222 -21.81 3.66 58.32
C GLN B 222 -20.95 4.31 57.25
N ARG B 223 -19.75 4.81 57.61
CA ARG B 223 -18.86 5.39 56.61
C ARG B 223 -18.36 4.33 55.65
N ILE B 224 -18.06 3.13 56.16
CA ILE B 224 -17.65 2.03 55.28
C ILE B 224 -18.83 1.57 54.44
N MET B 225 -20.02 1.47 55.05
CA MET B 225 -21.20 1.05 54.30
C MET B 225 -21.55 2.08 53.23
N HIS B 226 -21.38 3.37 53.53
CA HIS B 226 -21.72 4.40 52.55
C HIS B 226 -20.76 4.36 51.36
N ASN B 227 -19.46 4.18 51.63
CA ASN B 227 -18.51 4.08 50.54
C ASN B 227 -18.76 2.84 49.69
N TYR B 228 -19.22 1.75 50.30
CA TYR B 228 -19.56 0.55 49.54
C TYR B 228 -20.76 0.81 48.64
N ASP B 229 -21.78 1.47 49.16
CA ASP B 229 -22.93 1.85 48.33
C ASP B 229 -22.52 2.78 47.20
N LYS B 230 -21.52 3.64 47.44
CA LYS B 230 -21.01 4.50 46.39
C LYS B 230 -20.30 3.70 45.31
N LEU B 231 -19.64 2.61 45.68
CA LEU B 231 -18.98 1.76 44.71
C LEU B 231 -19.98 0.91 43.94
N LYS B 232 -21.01 0.41 44.62
CA LYS B 232 -22.02 -0.41 43.95
C LYS B 232 -22.82 0.41 42.93
N SER B 233 -23.14 1.65 43.26
CA SER B 233 -23.92 2.48 42.35
C SER B 233 -23.11 2.82 41.10
N ARG B 234 -21.84 3.19 41.26
CA ARG B 234 -20.99 3.43 40.11
C ARG B 234 -20.90 2.20 39.22
N ILE B 235 -20.79 1.02 39.84
CA ILE B 235 -20.75 -0.23 39.07
C ILE B 235 -22.05 -0.41 38.30
N SER B 236 -23.18 -0.14 38.94
CA SER B 236 -24.46 -0.29 38.25
C SER B 236 -24.58 0.69 37.09
N GLU B 237 -23.99 1.88 37.21
CA GLU B 237 -24.04 2.85 36.11
C GLU B 237 -23.15 2.40 34.95
N ILE B 238 -21.96 1.92 35.25
CA ILE B 238 -21.06 1.45 34.19
C ILE B 238 -21.67 0.26 33.47
N ILE B 239 -22.29 -0.66 34.22
CA ILE B 239 -22.97 -1.79 33.60
C ILE B 239 -24.06 -1.32 32.66
N ASP B 240 -24.83 -0.31 33.08
CA ASP B 240 -25.93 0.17 32.24
C ASP B 240 -25.44 0.99 31.05
N SER B 241 -24.25 1.60 31.16
CA SER B 241 -23.67 2.25 29.99
C SER B 241 -23.23 1.22 28.96
N ARG B 242 -22.72 0.07 29.42
CA ARG B 242 -22.35 -1.00 28.51
C ARG B 242 -23.57 -1.61 27.85
N ARG B 243 -24.67 -1.75 28.61
CA ARG B 243 -25.89 -2.32 28.04
C ARG B 243 -26.45 -1.42 26.95
N ARG B 244 -26.44 -0.09 27.16
CA ARG B 244 -26.94 0.82 26.13
C ARG B 244 -26.05 0.78 24.90
N LEU B 245 -24.74 0.69 25.08
CA LEU B 245 -23.83 0.57 23.94
C LEU B 245 -24.05 -0.74 23.20
N GLU B 246 -24.29 -1.83 23.95
CA GLU B 246 -24.57 -3.11 23.30
C GLU B 246 -25.87 -3.05 22.50
N GLU B 247 -26.87 -2.31 23.00
CA GLU B 247 -28.10 -2.15 22.25
C GLU B 247 -27.86 -1.34 20.98
N ASP B 248 -27.00 -0.33 21.04
CA ASP B 248 -26.64 0.42 19.85
C ASP B 248 -25.91 -0.48 18.85
N LEU B 249 -24.95 -1.28 19.34
CA LEU B 249 -24.25 -2.19 18.45
C LEU B 249 -25.21 -3.17 17.78
N LYS B 250 -26.19 -3.67 18.53
CA LYS B 250 -27.18 -4.57 17.94
C LYS B 250 -27.93 -3.89 16.80
N LYS B 251 -28.32 -2.63 16.99
CA LYS B 251 -29.05 -1.92 15.95
C LYS B 251 -28.16 -1.61 14.76
N GLN B 252 -26.92 -1.18 15.01
CA GLN B 252 -26.04 -0.83 13.90
C GLN B 252 -25.57 -2.05 13.14
N ALA B 253 -25.39 -3.19 13.82
CA ALA B 253 -25.02 -4.42 13.13
C ALA B 253 -26.13 -4.86 12.17
N ALA B 254 -27.38 -4.66 12.56
CA ALA B 254 -28.49 -4.98 11.67
C ALA B 254 -28.52 -4.03 10.46
N GLU B 255 -28.17 -2.76 10.68
CA GLU B 255 -28.10 -1.82 9.57
C GLU B 255 -26.97 -2.16 8.61
N TYR B 256 -25.86 -2.71 9.13
CA TYR B 256 -24.79 -3.14 8.25
C TYR B 256 -25.24 -4.27 7.35
N ARG B 257 -25.96 -5.25 7.89
CA ARG B 257 -26.44 -6.36 7.08
C ARG B 257 -27.40 -5.88 6.00
N GLU B 258 -28.22 -4.88 6.31
CA GLU B 258 -29.16 -4.36 5.32
C GLU B 258 -28.43 -3.60 4.21
N ILE B 259 -27.46 -2.77 4.59
CA ILE B 259 -26.64 -2.09 3.57
C ILE B 259 -25.89 -3.12 2.74
N ASP B 260 -25.31 -4.12 3.39
CA ASP B 260 -24.59 -5.16 2.66
C ASP B 260 -25.50 -5.84 1.64
N LYS B 261 -26.75 -6.09 2.01
CA LYS B 261 -27.69 -6.71 1.08
C LYS B 261 -27.98 -5.79 -0.09
N ARG B 262 -28.27 -4.51 0.18
CA ARG B 262 -28.58 -3.57 -0.88
C ARG B 262 -27.42 -3.38 -1.84
N MET B 263 -26.19 -3.62 -1.40
CA MET B 263 -25.04 -3.51 -2.31
C MET B 263 -24.85 -4.80 -3.11
N ASN B 264 -25.01 -5.96 -2.47
CA ASN B 264 -24.93 -7.22 -3.18
C ASN B 264 -26.05 -7.39 -4.21
N SER B 265 -27.04 -6.48 -4.22
CA SER B 265 -28.11 -6.49 -5.21
C SER B 265 -27.89 -5.51 -6.34
N ILE B 266 -27.33 -4.33 -6.04
CA ILE B 266 -27.07 -3.36 -7.10
C ILE B 266 -25.76 -3.62 -7.82
N LYS B 267 -24.83 -4.35 -7.20
CA LYS B 267 -23.57 -4.67 -7.87
C LYS B 267 -23.79 -5.48 -9.14
N PRO B 268 -24.60 -6.54 -9.15
CA PRO B 268 -24.84 -7.25 -10.41
C PRO B 268 -25.55 -6.40 -11.44
N ASP B 269 -26.49 -5.55 -11.01
CA ASP B 269 -27.22 -4.71 -11.95
C ASP B 269 -26.32 -3.61 -12.52
N LEU B 270 -25.39 -3.09 -11.73
CA LEU B 270 -24.51 -2.04 -12.24
C LEU B 270 -23.54 -2.59 -13.26
N ILE B 271 -23.09 -3.84 -13.07
CA ILE B 271 -22.20 -4.46 -14.07
C ILE B 271 -22.92 -4.60 -15.39
N GLN B 272 -24.09 -5.24 -15.39
CA GLN B 272 -24.83 -5.46 -16.63
C GLN B 272 -25.20 -4.13 -17.29
N LEU B 273 -25.53 -3.12 -16.49
CA LEU B 273 -25.89 -1.83 -17.06
C LEU B 273 -24.69 -1.17 -17.74
N ARG B 274 -23.50 -1.33 -17.16
CA ARG B 274 -22.30 -0.78 -17.79
C ARG B 274 -21.96 -1.51 -19.08
N LYS B 275 -22.14 -2.83 -19.09
CA LYS B 275 -21.83 -3.61 -20.29
C LYS B 275 -22.80 -3.30 -21.43
N THR B 276 -24.08 -3.14 -21.10
CA THR B 276 -25.05 -2.73 -22.12
C THR B 276 -24.70 -1.35 -22.66
N ARG B 277 -24.29 -0.43 -21.77
CA ARG B 277 -23.85 0.89 -22.20
C ARG B 277 -22.64 0.79 -23.11
N ASP B 278 -21.71 -0.10 -22.78
CA ASP B 278 -20.48 -0.22 -23.58
C ASP B 278 -20.77 -0.81 -24.96
N GLN B 279 -21.72 -1.74 -25.05
CA GLN B 279 -22.03 -2.33 -26.34
C GLN B 279 -22.70 -1.32 -27.28
N TYR B 280 -23.58 -0.47 -26.73
CA TYR B 280 -24.17 0.58 -27.55
C TYR B 280 -23.12 1.58 -28.02
N LEU B 281 -22.08 1.81 -27.20
CA LEU B 281 -20.95 2.59 -27.67
C LEU B 281 -20.21 1.88 -28.80
N MET B 282 -19.99 0.57 -28.64
CA MET B 282 -19.36 -0.20 -29.71
C MET B 282 -20.17 -0.12 -30.99
N TRP B 283 -21.49 -0.29 -30.90
CA TRP B 283 -22.34 -0.21 -32.09
C TRP B 283 -22.24 1.17 -32.73
N LEU B 284 -22.13 2.22 -31.92
CA LEU B 284 -22.12 3.57 -32.46
C LEU B 284 -20.80 3.87 -33.17
N THR B 285 -19.69 3.37 -32.64
CA THR B 285 -18.40 3.59 -33.27
C THR B 285 -18.30 2.85 -34.60
N GLN B 286 -18.66 1.57 -34.60
CA GLN B 286 -18.57 0.76 -35.82
C GLN B 286 -19.51 1.26 -36.91
N LYS B 287 -20.59 1.94 -36.54
CA LYS B 287 -21.55 2.45 -37.51
C LYS B 287 -21.19 3.83 -38.04
N GLY B 288 -20.21 4.52 -37.44
CA GLY B 288 -19.79 5.83 -37.87
C GLY B 288 -18.47 5.79 -38.61
N VAL B 289 -18.10 6.96 -39.14
CA VAL B 289 -16.84 7.06 -39.86
C VAL B 289 -15.68 6.80 -38.92
N ARG B 290 -14.63 6.17 -39.45
CA ARG B 290 -13.46 5.76 -38.65
C ARG B 290 -12.19 6.27 -39.32
N GLN B 291 -11.53 7.23 -38.70
CA GLN B 291 -10.28 7.79 -39.19
C GLN B 291 -10.32 8.04 -40.70
#